data_7QSJ
#
_entry.id   7QSJ
#
_cell.length_a   47.037
_cell.length_b   51.807
_cell.length_c   149.134
_cell.angle_alpha   90.000
_cell.angle_beta   95.100
_cell.angle_gamma   90.000
#
_symmetry.space_group_name_H-M   'P 1 21 1'
#
loop_
_entity.id
_entity.type
_entity.pdbx_description
1 polymer 'Methylmannose polysaccharide hydrolase (MmpH)'
2 non-polymer 'MAGNESIUM ION'
3 non-polymer 'NICKEL (II) ION'
4 non-polymer GLYCEROL
5 water water
#
_entity_poly.entity_id   1
_entity_poly.type   'polypeptide(L)'
_entity_poly.pdbx_seq_one_letter_code
;MVLRDDLDAVPGVPGVLTPEQCRQTAQAIADAQEPSGALPWFEGGHTDPWDHVENAMALTVAGLLEPARAAFDWCRTTQR
PDGSWPIQIRNGVVEDANSDSNFCAYVATGVWHHVLITGDRRFAETMWPVVAKAIDFVIDMQLPGGEIAWARSPSGLYEE
ALLTGCASIYHSIRCALALADYMGEPQPEWEVAVGRLGHAIAEHPEAFVTKDRWSMEWYYPVLGGALRGEAARARINRRW
NDFVVPGLGIRCVDDRPWVTGAETCELVLALDAIGDLTRAHEQFAAMHHLREEDGSYWTGLVYDDGKRWPIERTTWTGAA
MILAADALSRTTPGNGIFRGVDLPRGLEGEYDCACATSERKLAAALEHHHHHH
;
_entity_poly.pdbx_strand_id   A,B
#
loop_
_chem_comp.id
_chem_comp.type
_chem_comp.name
_chem_comp.formula
GOL non-polymer GLYCEROL 'C3 H8 O3'
MG non-polymer 'MAGNESIUM ION' 'Mg 2'
NI non-polymer 'NICKEL (II) ION' 'Ni 2'
#
# COMPACT_ATOMS: atom_id res chain seq x y z
N LEU A 7 9.14 -39.72 -10.48
CA LEU A 7 9.42 -40.67 -9.40
C LEU A 7 8.32 -41.69 -9.13
N ASP A 8 7.72 -42.27 -10.17
CA ASP A 8 7.78 -41.93 -11.58
C ASP A 8 6.74 -40.85 -11.83
N ALA A 9 6.17 -40.33 -10.74
CA ALA A 9 5.13 -39.31 -10.81
C ALA A 9 5.67 -37.90 -10.81
N VAL A 10 6.97 -37.72 -10.65
CA VAL A 10 7.62 -36.40 -10.64
C VAL A 10 8.28 -36.17 -11.99
N PRO A 11 8.16 -34.98 -12.57
CA PRO A 11 8.77 -34.72 -13.88
C PRO A 11 10.27 -34.95 -13.88
N GLY A 12 10.74 -35.49 -15.00
CA GLY A 12 12.17 -35.52 -15.30
C GLY A 12 12.34 -35.36 -16.79
N VAL A 13 13.49 -34.81 -17.17
CA VAL A 13 13.90 -34.68 -18.56
C VAL A 13 15.27 -35.34 -18.69
N PRO A 14 15.33 -36.54 -19.25
CA PRO A 14 16.59 -37.29 -19.29
C PRO A 14 17.73 -36.46 -19.87
N GLY A 15 18.87 -36.50 -19.19
CA GLY A 15 20.03 -35.76 -19.60
C GLY A 15 20.05 -34.33 -19.12
N VAL A 16 18.96 -33.84 -18.53
CA VAL A 16 18.86 -32.43 -18.17
C VAL A 16 18.45 -32.28 -16.71
N LEU A 17 17.41 -32.98 -16.30
CA LEU A 17 16.86 -32.83 -14.95
C LEU A 17 16.35 -34.18 -14.50
N THR A 18 16.91 -34.71 -13.42
CA THR A 18 16.40 -35.97 -12.87
C THR A 18 15.16 -35.70 -12.03
N PRO A 19 14.31 -36.71 -11.83
CA PRO A 19 13.17 -36.52 -10.91
C PRO A 19 13.61 -36.15 -9.50
N GLU A 20 14.73 -36.71 -9.02
CA GLU A 20 15.29 -36.30 -7.74
C GLU A 20 15.58 -34.81 -7.71
N GLN A 21 16.18 -34.30 -8.79
CA GLN A 21 16.47 -32.87 -8.87
C GLN A 21 15.20 -32.03 -8.91
N CYS A 22 14.19 -32.50 -9.63
CA CYS A 22 12.92 -31.76 -9.66
C CYS A 22 12.33 -31.66 -8.27
N ARG A 23 12.28 -32.79 -7.55
CA ARG A 23 11.77 -32.80 -6.19
C ARG A 23 12.61 -31.92 -5.27
N GLN A 24 13.93 -31.93 -5.44
CA GLN A 24 14.79 -31.11 -4.59
C GLN A 24 14.51 -29.62 -4.79
N THR A 25 14.30 -29.19 -6.04
CA THR A 25 13.95 -27.80 -6.27
C THR A 25 12.64 -27.44 -5.59
N ALA A 26 11.64 -28.33 -5.68
CA ALA A 26 10.38 -28.09 -5.00
C ALA A 26 10.56 -28.04 -3.49
N GLN A 27 11.43 -28.88 -2.95
CA GLN A 27 11.65 -28.88 -1.51
C GLN A 27 12.29 -27.56 -1.08
N ALA A 28 13.15 -26.98 -1.92
CA ALA A 28 13.72 -25.68 -1.58
C ALA A 28 12.66 -24.59 -1.59
N ILE A 29 11.67 -24.69 -2.49
CA ILE A 29 10.53 -23.77 -2.42
C ILE A 29 9.77 -23.95 -1.11
N ALA A 30 9.44 -25.21 -0.78
CA ALA A 30 8.69 -25.49 0.44
C ALA A 30 9.45 -25.00 1.68
N ASP A 31 10.77 -25.12 1.66
CA ASP A 31 11.56 -24.73 2.83
C ASP A 31 11.53 -23.22 3.08
N ALA A 32 11.17 -22.44 2.06
CA ALA A 32 11.06 -20.99 2.21
C ALA A 32 9.66 -20.56 2.66
N GLN A 33 8.71 -21.47 2.76
CA GLN A 33 7.35 -21.07 3.10
C GLN A 33 7.29 -20.45 4.49
N GLU A 34 6.53 -19.37 4.61
CA GLU A 34 6.35 -18.71 5.90
C GLU A 34 5.23 -19.39 6.67
N PRO A 35 5.17 -19.19 7.99
CA PRO A 35 4.12 -19.85 8.77
C PRO A 35 2.70 -19.58 8.29
N SER A 36 2.47 -18.39 7.72
CA SER A 36 1.16 -18.04 7.18
C SER A 36 0.80 -18.86 5.95
N GLY A 37 1.77 -19.52 5.33
CA GLY A 37 1.57 -20.18 4.05
C GLY A 37 2.12 -19.41 2.86
N ALA A 38 2.54 -18.17 3.06
CA ALA A 38 3.12 -17.39 1.97
C ALA A 38 4.37 -18.08 1.43
N LEU A 39 4.51 -18.04 0.11
CA LEU A 39 5.69 -18.59 -0.55
C LEU A 39 6.46 -17.40 -1.11
N PRO A 40 7.42 -16.85 -0.36
CA PRO A 40 8.11 -15.62 -0.77
C PRO A 40 9.18 -15.89 -1.83
N TRP A 41 9.76 -14.80 -2.32
CA TRP A 41 10.89 -14.89 -3.25
C TRP A 41 12.02 -15.74 -2.68
N PHE A 42 12.28 -15.62 -1.39
CA PHE A 42 13.29 -16.37 -0.66
C PHE A 42 13.10 -15.99 0.80
N GLU A 43 13.74 -16.74 1.69
CA GLU A 43 13.61 -16.44 3.11
C GLU A 43 14.10 -15.02 3.40
N GLY A 44 13.25 -14.23 4.05
CA GLY A 44 13.54 -12.84 4.32
C GLY A 44 13.18 -11.88 3.20
N GLY A 45 12.86 -12.40 2.01
CA GLY A 45 12.44 -11.56 0.91
C GLY A 45 10.95 -11.27 0.95
N HIS A 46 10.48 -10.59 -0.08
CA HIS A 46 9.07 -10.24 -0.14
C HIS A 46 8.26 -11.33 -0.85
N THR A 47 6.95 -11.20 -0.75
CA THR A 47 5.99 -12.08 -1.40
C THR A 47 5.13 -11.23 -2.33
N ASP A 48 4.87 -11.76 -3.52
CA ASP A 48 3.84 -11.19 -4.38
C ASP A 48 2.87 -12.28 -4.77
N PRO A 49 1.61 -11.96 -5.02
CA PRO A 49 0.60 -13.01 -5.23
C PRO A 49 0.87 -13.87 -6.46
N TRP A 50 1.41 -13.30 -7.53
CA TRP A 50 1.63 -14.08 -8.74
C TRP A 50 2.68 -15.15 -8.50
N ASP A 51 3.85 -14.77 -7.99
CA ASP A 51 4.90 -15.74 -7.74
C ASP A 51 4.53 -16.71 -6.62
N HIS A 52 3.72 -16.25 -5.67
CA HIS A 52 3.21 -17.16 -4.64
C HIS A 52 2.44 -18.31 -5.29
N VAL A 53 1.52 -17.98 -6.19
CA VAL A 53 0.73 -19.01 -6.87
C VAL A 53 1.61 -19.86 -7.77
N GLU A 54 2.53 -19.24 -8.51
CA GLU A 54 3.48 -19.99 -9.33
C GLU A 54 4.21 -21.03 -8.49
N ASN A 55 4.70 -20.62 -7.32
CA ASN A 55 5.36 -21.54 -6.40
C ASN A 55 4.43 -22.67 -5.97
N ALA A 56 3.17 -22.34 -5.68
CA ALA A 56 2.24 -23.38 -5.24
C ALA A 56 1.98 -24.38 -6.36
N MET A 57 1.93 -23.92 -7.61
CA MET A 57 1.75 -24.82 -8.74
C MET A 57 2.94 -25.78 -8.85
N ALA A 58 4.15 -25.25 -8.71
CA ALA A 58 5.33 -26.13 -8.78
C ALA A 58 5.34 -27.15 -7.65
N LEU A 59 4.96 -26.73 -6.44
CA LEU A 59 4.86 -27.68 -5.34
C LEU A 59 3.88 -28.80 -5.69
N THR A 60 2.73 -28.45 -6.26
CA THR A 60 1.76 -29.46 -6.68
C THR A 60 2.36 -30.42 -7.70
N VAL A 61 3.05 -29.88 -8.71
CA VAL A 61 3.67 -30.73 -9.72
C VAL A 61 4.62 -31.73 -9.09
N ALA A 62 5.40 -31.30 -8.11
CA ALA A 62 6.40 -32.16 -7.48
C ALA A 62 5.79 -33.09 -6.43
N GLY A 63 4.49 -32.99 -6.17
CA GLY A 63 3.83 -33.86 -5.22
C GLY A 63 3.93 -33.43 -3.78
N LEU A 64 4.39 -32.19 -3.52
CA LEU A 64 4.42 -31.66 -2.15
C LEU A 64 3.09 -30.95 -1.89
N LEU A 65 2.06 -31.77 -1.72
CA LEU A 65 0.70 -31.25 -1.71
C LEU A 65 0.40 -30.48 -0.42
N GLU A 66 1.03 -30.86 0.69
N GLU A 66 1.06 -30.81 0.68
CA GLU A 66 0.79 -30.17 1.95
CA GLU A 66 0.72 -30.13 1.94
C GLU A 66 1.18 -28.71 1.87
C GLU A 66 1.19 -28.68 1.95
N PRO A 67 2.43 -28.35 1.56
CA PRO A 67 2.76 -26.93 1.42
C PRO A 67 1.96 -26.24 0.33
N ALA A 68 1.62 -26.94 -0.76
CA ALA A 68 0.80 -26.32 -1.80
C ALA A 68 -0.57 -25.93 -1.24
N ARG A 69 -1.18 -26.81 -0.45
CA ARG A 69 -2.50 -26.50 0.10
C ARG A 69 -2.42 -25.37 1.12
N ALA A 70 -1.32 -25.33 1.89
CA ALA A 70 -1.14 -24.21 2.82
C ALA A 70 -1.02 -22.89 2.07
N ALA A 71 -0.43 -22.92 0.88
CA ALA A 71 -0.31 -21.72 0.07
C ALA A 71 -1.66 -21.28 -0.47
N PHE A 72 -2.47 -22.22 -0.97
CA PHE A 72 -3.80 -21.83 -1.41
C PHE A 72 -4.67 -21.36 -0.25
N ASP A 73 -4.47 -21.93 0.95
CA ASP A 73 -5.17 -21.42 2.13
C ASP A 73 -4.78 -19.96 2.40
N TRP A 74 -3.50 -19.63 2.21
CA TRP A 74 -3.06 -18.24 2.37
C TRP A 74 -3.80 -17.32 1.40
N CYS A 75 -3.97 -17.75 0.15
CA CYS A 75 -4.77 -16.97 -0.79
C CYS A 75 -6.16 -16.73 -0.22
N ARG A 76 -6.79 -17.79 0.28
CA ARG A 76 -8.16 -17.66 0.78
C ARG A 76 -8.22 -16.72 1.97
N THR A 77 -7.32 -16.89 2.93
CA THR A 77 -7.45 -16.16 4.19
C THR A 77 -6.97 -14.73 4.11
N THR A 78 -6.13 -14.38 3.13
CA THR A 78 -5.65 -13.01 2.99
C THR A 78 -6.39 -12.21 1.92
N GLN A 79 -7.29 -12.84 1.17
CA GLN A 79 -8.02 -12.11 0.14
C GLN A 79 -8.77 -10.96 0.79
N ARG A 80 -8.69 -9.80 0.17
CA ARG A 80 -9.27 -8.58 0.74
C ARG A 80 -10.74 -8.49 0.38
N PRO A 81 -11.49 -7.62 1.06
CA PRO A 81 -12.94 -7.54 0.80
C PRO A 81 -13.31 -7.32 -0.67
N ASP A 82 -12.51 -6.57 -1.42
CA ASP A 82 -12.85 -6.33 -2.82
C ASP A 82 -12.48 -7.50 -3.73
N GLY A 83 -11.81 -8.53 -3.21
CA GLY A 83 -11.44 -9.69 -3.98
C GLY A 83 -9.97 -9.72 -4.36
N SER A 84 -9.20 -8.69 -3.98
CA SER A 84 -7.82 -8.51 -4.41
C SER A 84 -6.86 -8.99 -3.33
N TRP A 85 -5.57 -8.94 -3.68
CA TRP A 85 -4.45 -9.12 -2.78
C TRP A 85 -3.49 -7.96 -3.01
N PRO A 86 -2.73 -7.58 -1.99
CA PRO A 86 -1.72 -6.52 -2.17
C PRO A 86 -0.60 -6.97 -3.11
N ILE A 87 -0.03 -5.99 -3.81
CA ILE A 87 1.08 -6.22 -4.72
C ILE A 87 2.30 -6.77 -4.00
N GLN A 88 2.56 -6.32 -2.77
CA GLN A 88 3.79 -6.74 -2.11
C GLN A 88 3.62 -6.81 -0.60
N ILE A 89 4.06 -7.92 -0.02
N ILE A 89 4.05 -7.92 -0.01
CA ILE A 89 4.04 -8.15 1.42
CA ILE A 89 4.04 -8.09 1.43
C ILE A 89 5.42 -8.67 1.80
C ILE A 89 5.36 -8.73 1.83
N ARG A 90 5.86 -8.37 3.02
CA ARG A 90 7.12 -8.90 3.51
C ARG A 90 6.88 -9.46 4.91
N ASN A 91 6.94 -10.78 5.03
CA ASN A 91 6.73 -11.44 6.31
C ASN A 91 5.45 -10.94 6.99
N GLY A 92 4.39 -10.79 6.19
CA GLY A 92 3.10 -10.37 6.69
C GLY A 92 2.90 -8.88 6.79
N VAL A 93 3.92 -8.07 6.53
CA VAL A 93 3.80 -6.62 6.56
C VAL A 93 3.57 -6.15 5.13
N VAL A 94 2.41 -5.53 4.87
CA VAL A 94 2.12 -5.06 3.53
C VAL A 94 3.06 -3.90 3.19
N GLU A 95 3.70 -4.00 2.03
CA GLU A 95 4.61 -2.96 1.54
C GLU A 95 4.06 -2.19 0.36
N ASP A 96 3.23 -2.81 -0.48
CA ASP A 96 2.53 -2.14 -1.57
C ASP A 96 1.11 -2.67 -1.55
N ALA A 97 0.16 -1.82 -1.18
CA ALA A 97 -1.23 -2.22 -0.99
C ALA A 97 -2.09 -2.02 -2.23
N ASN A 98 -1.53 -1.52 -3.33
CA ASN A 98 -2.30 -1.46 -4.56
C ASN A 98 -2.57 -2.88 -5.07
N SER A 99 -3.41 -2.96 -6.09
CA SER A 99 -3.79 -4.23 -6.72
C SER A 99 -3.27 -4.26 -8.14
N ASP A 100 -2.61 -5.35 -8.51
CA ASP A 100 -2.13 -5.58 -9.86
C ASP A 100 -3.08 -6.61 -10.48
N SER A 101 -3.71 -6.26 -11.59
CA SER A 101 -4.76 -7.12 -12.17
C SER A 101 -4.21 -8.50 -12.54
N ASN A 102 -3.00 -8.54 -13.10
CA ASN A 102 -2.36 -9.80 -13.45
C ASN A 102 -2.14 -10.65 -12.20
N PHE A 103 -1.59 -10.04 -11.15
CA PHE A 103 -1.36 -10.76 -9.91
C PHE A 103 -2.65 -11.35 -9.35
N CYS A 104 -3.75 -10.58 -9.36
CA CYS A 104 -4.98 -11.07 -8.75
C CYS A 104 -5.62 -12.18 -9.56
N ALA A 105 -5.48 -12.14 -10.89
CA ALA A 105 -6.16 -13.14 -11.71
C ALA A 105 -5.49 -14.52 -11.60
N TYR A 106 -4.19 -14.56 -11.31
CA TYR A 106 -3.43 -15.79 -11.49
C TYR A 106 -3.89 -16.89 -10.54
N VAL A 107 -4.55 -16.55 -9.44
CA VAL A 107 -5.07 -17.57 -8.53
C VAL A 107 -5.95 -18.55 -9.30
N ALA A 108 -6.67 -18.08 -10.33
CA ALA A 108 -7.53 -18.96 -11.10
C ALA A 108 -6.71 -20.06 -11.78
N THR A 109 -5.56 -19.69 -12.34
CA THR A 109 -4.70 -20.68 -12.99
C THR A 109 -4.20 -21.68 -11.97
N GLY A 110 -3.70 -21.19 -10.83
CA GLY A 110 -3.18 -22.09 -9.81
C GLY A 110 -4.23 -23.05 -9.28
N VAL A 111 -5.44 -22.56 -9.06
CA VAL A 111 -6.51 -23.41 -8.53
C VAL A 111 -6.91 -24.47 -9.56
N TRP A 112 -7.10 -24.06 -10.82
CA TRP A 112 -7.51 -25.04 -11.82
C TRP A 112 -6.43 -26.08 -12.03
N HIS A 113 -5.16 -25.64 -12.07
CA HIS A 113 -4.02 -26.54 -12.17
C HIS A 113 -4.05 -27.57 -11.04
N HIS A 114 -4.33 -27.12 -9.81
CA HIS A 114 -4.39 -28.04 -8.68
C HIS A 114 -5.54 -29.04 -8.84
N VAL A 115 -6.70 -28.58 -9.32
CA VAL A 115 -7.82 -29.49 -9.53
C VAL A 115 -7.48 -30.51 -10.62
N LEU A 116 -6.82 -30.07 -11.70
CA LEU A 116 -6.44 -31.01 -12.75
C LEU A 116 -5.57 -32.13 -12.20
N ILE A 117 -4.62 -31.79 -11.32
CA ILE A 117 -3.67 -32.77 -10.84
C ILE A 117 -4.28 -33.66 -9.77
N THR A 118 -5.08 -33.10 -8.86
CA THR A 118 -5.55 -33.84 -7.71
C THR A 118 -6.96 -34.42 -7.87
N GLY A 119 -7.79 -33.86 -8.75
CA GLY A 119 -9.19 -34.26 -8.78
C GLY A 119 -9.95 -33.99 -7.51
N ASP A 120 -9.45 -33.06 -6.68
CA ASP A 120 -9.97 -32.83 -5.34
C ASP A 120 -11.14 -31.84 -5.41
N ARG A 121 -12.37 -32.36 -5.46
CA ARG A 121 -13.53 -31.48 -5.59
C ARG A 121 -13.76 -30.65 -4.35
N ARG A 122 -13.39 -31.16 -3.17
CA ARG A 122 -13.52 -30.34 -1.96
C ARG A 122 -12.60 -29.13 -2.01
N PHE A 123 -11.38 -29.31 -2.54
CA PHE A 123 -10.50 -28.18 -2.78
C PHE A 123 -11.14 -27.20 -3.75
N ALA A 124 -11.71 -27.70 -4.85
CA ALA A 124 -12.39 -26.83 -5.79
C ALA A 124 -13.52 -26.06 -5.14
N GLU A 125 -14.31 -26.73 -4.29
CA GLU A 125 -15.43 -26.05 -3.63
C GLU A 125 -14.93 -24.98 -2.65
N THR A 126 -13.82 -25.24 -1.96
CA THR A 126 -13.27 -24.27 -1.03
C THR A 126 -12.72 -23.05 -1.76
N MET A 127 -12.05 -23.26 -2.89
CA MET A 127 -11.38 -22.20 -3.60
C MET A 127 -12.27 -21.50 -4.63
N TRP A 128 -13.39 -22.09 -5.02
CA TRP A 128 -14.26 -21.47 -6.01
C TRP A 128 -14.66 -20.04 -5.63
N PRO A 129 -15.15 -19.76 -4.42
CA PRO A 129 -15.48 -18.35 -4.10
C PRO A 129 -14.27 -17.42 -4.13
N VAL A 130 -13.09 -17.92 -3.78
CA VAL A 130 -11.87 -17.11 -3.89
C VAL A 130 -11.62 -16.73 -5.34
N VAL A 131 -11.64 -17.72 -6.24
CA VAL A 131 -11.41 -17.44 -7.65
C VAL A 131 -12.48 -16.51 -8.19
N ALA A 132 -13.74 -16.77 -7.85
CA ALA A 132 -14.83 -15.96 -8.39
C ALA A 132 -14.72 -14.51 -7.96
N LYS A 133 -14.42 -14.27 -6.68
CA LYS A 133 -14.25 -12.89 -6.22
C LYS A 133 -13.06 -12.22 -6.90
N ALA A 134 -11.98 -12.96 -7.11
CA ALA A 134 -10.80 -12.40 -7.74
C ALA A 134 -11.05 -12.04 -9.20
N ILE A 135 -11.73 -12.92 -9.93
CA ILE A 135 -11.95 -12.68 -11.35
C ILE A 135 -12.99 -11.57 -11.53
N ASP A 136 -14.01 -11.53 -10.67
CA ASP A 136 -14.93 -10.39 -10.69
C ASP A 136 -14.16 -9.09 -10.46
N PHE A 137 -13.23 -9.08 -9.50
CA PHE A 137 -12.45 -7.87 -9.26
C PHE A 137 -11.64 -7.48 -10.49
N VAL A 138 -11.00 -8.47 -11.13
CA VAL A 138 -10.16 -8.17 -12.28
C VAL A 138 -10.99 -7.63 -13.43
N ILE A 139 -12.16 -8.23 -13.66
CA ILE A 139 -12.99 -7.76 -14.78
C ILE A 139 -13.52 -6.36 -14.52
N ASP A 140 -13.70 -5.99 -13.24
CA ASP A 140 -14.03 -4.60 -12.92
C ASP A 140 -12.91 -3.63 -13.25
N MET A 141 -11.73 -4.11 -13.61
CA MET A 141 -10.65 -3.27 -14.08
C MET A 141 -10.57 -3.21 -15.60
N GLN A 142 -11.51 -3.84 -16.31
CA GLN A 142 -11.47 -3.85 -17.75
C GLN A 142 -11.86 -2.48 -18.31
N LEU A 143 -11.13 -2.04 -19.31
CA LEU A 143 -11.36 -0.76 -19.95
C LEU A 143 -12.30 -0.92 -21.14
N PRO A 144 -12.82 0.18 -21.68
CA PRO A 144 -13.85 0.06 -22.74
C PRO A 144 -13.38 -0.71 -23.97
N GLY A 145 -12.09 -0.66 -24.31
CA GLY A 145 -11.60 -1.39 -25.46
C GLY A 145 -11.35 -2.87 -25.27
N GLY A 146 -11.51 -3.39 -24.04
CA GLY A 146 -11.33 -4.80 -23.74
C GLY A 146 -10.05 -5.11 -22.98
N GLU A 147 -9.03 -4.27 -23.11
CA GLU A 147 -7.83 -4.44 -22.32
C GLU A 147 -8.12 -4.16 -20.85
N ILE A 148 -7.24 -4.63 -19.96
CA ILE A 148 -7.42 -4.49 -18.52
C ILE A 148 -6.41 -3.47 -18.00
N ALA A 149 -6.89 -2.56 -17.15
CA ALA A 149 -5.97 -1.67 -16.45
C ALA A 149 -4.98 -2.49 -15.64
N TRP A 150 -3.72 -2.04 -15.60
CA TRP A 150 -2.70 -2.84 -14.95
C TRP A 150 -2.78 -2.80 -13.43
N ALA A 151 -3.32 -1.72 -12.86
CA ALA A 151 -3.33 -1.60 -11.40
C ALA A 151 -4.49 -0.73 -10.94
N ARG A 152 -4.88 -0.96 -9.69
CA ARG A 152 -5.89 -0.14 -9.01
C ARG A 152 -5.32 0.33 -7.69
N SER A 153 -5.57 1.60 -7.36
CA SER A 153 -5.19 2.16 -6.07
C SER A 153 -6.45 2.72 -5.42
N PRO A 154 -6.38 3.15 -4.15
CA PRO A 154 -7.59 3.73 -3.53
C PRO A 154 -8.13 4.93 -4.28
N SER A 155 -7.27 5.62 -5.04
N SER A 155 -7.28 5.62 -5.04
CA SER A 155 -7.68 6.80 -5.79
CA SER A 155 -7.72 6.81 -5.77
C SER A 155 -8.38 6.46 -7.10
C SER A 155 -8.20 6.51 -7.19
N GLY A 156 -8.22 5.24 -7.60
CA GLY A 156 -8.85 4.84 -8.84
C GLY A 156 -7.95 3.92 -9.64
N LEU A 157 -8.39 3.63 -10.87
CA LEU A 157 -7.63 2.77 -11.76
C LEU A 157 -6.47 3.52 -12.40
N TYR A 158 -5.35 2.82 -12.56
CA TYR A 158 -4.30 3.27 -13.47
C TYR A 158 -4.70 2.81 -14.86
N GLU A 159 -5.14 3.75 -15.70
CA GLU A 159 -5.74 3.35 -16.98
C GLU A 159 -4.73 3.15 -18.10
N GLU A 160 -3.58 2.54 -17.79
CA GLU A 160 -2.69 1.98 -18.79
C GLU A 160 -2.77 0.47 -18.73
N ALA A 161 -2.58 -0.19 -19.87
CA ALA A 161 -2.64 -1.64 -19.95
C ALA A 161 -1.30 -2.19 -20.41
N LEU A 162 -0.88 -3.29 -19.81
CA LEU A 162 0.38 -3.95 -20.13
C LEU A 162 0.08 -5.24 -20.87
N LEU A 163 0.75 -5.44 -22.01
CA LEU A 163 0.47 -6.60 -22.84
C LEU A 163 0.75 -7.90 -22.11
N THR A 164 1.88 -8.00 -21.40
CA THR A 164 2.18 -9.22 -20.67
C THR A 164 1.09 -9.55 -19.65
N GLY A 165 0.72 -8.56 -18.83
CA GLY A 165 -0.31 -8.82 -17.84
C GLY A 165 -1.63 -9.20 -18.48
N CYS A 166 -2.01 -8.52 -19.56
CA CYS A 166 -3.27 -8.85 -20.22
C CYS A 166 -3.23 -10.25 -20.82
N ALA A 167 -2.09 -10.66 -21.37
CA ALA A 167 -1.95 -12.00 -21.92
C ALA A 167 -2.09 -13.06 -20.82
N SER A 168 -1.52 -12.77 -19.64
CA SER A 168 -1.64 -13.68 -18.51
C SER A 168 -3.07 -13.75 -18.01
N ILE A 169 -3.72 -12.57 -17.87
CA ILE A 169 -5.11 -12.53 -17.42
C ILE A 169 -6.01 -13.31 -18.38
N TYR A 170 -5.78 -13.16 -19.69
CA TYR A 170 -6.58 -13.89 -20.66
C TYR A 170 -6.56 -15.38 -20.37
N HIS A 171 -5.38 -15.94 -20.12
CA HIS A 171 -5.29 -17.35 -19.77
C HIS A 171 -5.93 -17.63 -18.41
N SER A 172 -5.72 -16.74 -17.43
CA SER A 172 -6.29 -16.95 -16.11
C SER A 172 -7.81 -16.99 -16.14
N ILE A 173 -8.44 -16.09 -16.91
CA ILE A 173 -9.91 -16.10 -16.97
C ILE A 173 -10.40 -17.38 -17.64
N ARG A 174 -9.70 -17.86 -18.67
CA ARG A 174 -10.08 -19.14 -19.27
C ARG A 174 -9.98 -20.28 -18.26
N CYS A 175 -8.95 -20.26 -17.40
CA CYS A 175 -8.89 -21.23 -16.32
C CYS A 175 -10.06 -21.08 -15.36
N ALA A 176 -10.44 -19.83 -15.05
CA ALA A 176 -11.60 -19.59 -14.20
C ALA A 176 -12.87 -20.16 -14.83
N LEU A 177 -13.01 -20.03 -16.15
CA LEU A 177 -14.16 -20.60 -16.85
C LEU A 177 -14.15 -22.12 -16.82
N ALA A 178 -12.97 -22.73 -16.91
CA ALA A 178 -12.89 -24.18 -16.75
C ALA A 178 -13.36 -24.60 -15.37
N LEU A 179 -12.95 -23.85 -14.33
CA LEU A 179 -13.42 -24.14 -12.99
C LEU A 179 -14.93 -23.90 -12.86
N ALA A 180 -15.44 -22.85 -13.49
CA ALA A 180 -16.87 -22.58 -13.46
C ALA A 180 -17.66 -23.76 -14.03
N ASP A 181 -17.19 -24.32 -15.15
N ASP A 181 -17.18 -24.32 -15.14
CA ASP A 181 -17.84 -25.50 -15.71
CA ASP A 181 -17.82 -25.50 -15.72
C ASP A 181 -17.78 -26.67 -14.72
C ASP A 181 -17.75 -26.69 -14.78
N TYR A 182 -16.59 -26.90 -14.14
CA TYR A 182 -16.44 -27.99 -13.18
C TYR A 182 -17.42 -27.83 -12.01
N MET A 183 -17.64 -26.59 -11.58
CA MET A 183 -18.56 -26.30 -10.49
C MET A 183 -20.02 -26.27 -10.91
N GLY A 184 -20.31 -26.27 -12.20
CA GLY A 184 -21.68 -26.17 -12.67
C GLY A 184 -22.30 -24.80 -12.49
N GLU A 185 -21.50 -23.75 -12.51
CA GLU A 185 -21.98 -22.38 -12.29
C GLU A 185 -21.55 -21.49 -13.45
N PRO A 186 -22.38 -21.35 -14.48
CA PRO A 186 -22.01 -20.56 -15.65
C PRO A 186 -21.75 -19.10 -15.30
N GLN A 187 -20.80 -18.51 -16.03
CA GLN A 187 -20.36 -17.13 -15.81
C GLN A 187 -20.39 -16.39 -17.14
N PRO A 188 -21.58 -16.07 -17.64
CA PRO A 188 -21.65 -15.38 -18.94
C PRO A 188 -20.87 -14.07 -18.99
N GLU A 189 -20.79 -13.33 -17.87
CA GLU A 189 -20.03 -12.08 -17.88
C GLU A 189 -18.55 -12.35 -18.10
N TRP A 190 -18.02 -13.42 -17.52
CA TRP A 190 -16.62 -13.77 -17.76
C TRP A 190 -16.40 -14.15 -19.21
N GLU A 191 -17.36 -14.85 -19.82
CA GLU A 191 -17.23 -15.25 -21.21
C GLU A 191 -17.14 -14.02 -22.13
N VAL A 192 -17.98 -13.01 -21.88
CA VAL A 192 -17.91 -11.79 -22.66
C VAL A 192 -16.57 -11.09 -22.43
N ALA A 193 -16.17 -10.95 -21.16
CA ALA A 193 -14.96 -10.22 -20.83
C ALA A 193 -13.73 -10.86 -21.49
N VAL A 194 -13.61 -12.18 -21.41
CA VAL A 194 -12.40 -12.83 -21.93
C VAL A 194 -12.35 -12.74 -23.45
N GLY A 195 -13.51 -12.81 -24.11
CA GLY A 195 -13.52 -12.63 -25.55
C GLY A 195 -13.07 -11.25 -25.97
N ARG A 196 -13.55 -10.21 -25.27
CA ARG A 196 -13.13 -8.86 -25.57
C ARG A 196 -11.65 -8.64 -25.28
N LEU A 197 -11.14 -9.27 -24.22
CA LEU A 197 -9.72 -9.14 -23.88
C LEU A 197 -8.86 -9.80 -24.96
N GLY A 198 -9.23 -11.01 -25.38
CA GLY A 198 -8.47 -11.68 -26.43
C GLY A 198 -8.45 -10.88 -27.72
N HIS A 199 -9.58 -10.27 -28.07
CA HIS A 199 -9.64 -9.45 -29.27
C HIS A 199 -8.71 -8.25 -29.16
N ALA A 200 -8.69 -7.57 -28.01
CA ALA A 200 -7.79 -6.45 -27.83
C ALA A 200 -6.34 -6.88 -27.99
N ILE A 201 -5.96 -7.98 -27.33
CA ILE A 201 -4.60 -8.48 -27.45
C ILE A 201 -4.24 -8.74 -28.91
N ALA A 202 -5.15 -9.36 -29.66
CA ALA A 202 -4.83 -9.81 -30.99
C ALA A 202 -4.91 -8.69 -32.03
N GLU A 203 -5.78 -7.70 -31.84
CA GLU A 203 -6.11 -6.76 -32.90
C GLU A 203 -5.90 -5.30 -32.56
N HIS A 204 -5.56 -4.97 -31.31
CA HIS A 204 -5.46 -3.57 -30.88
C HIS A 204 -4.14 -3.32 -30.16
N PRO A 205 -3.02 -3.35 -30.90
CA PRO A 205 -1.72 -3.15 -30.24
C PRO A 205 -1.58 -1.78 -29.61
N GLU A 206 -2.29 -0.78 -30.13
CA GLU A 206 -2.23 0.58 -29.61
C GLU A 206 -2.77 0.71 -28.20
N ALA A 207 -3.49 -0.30 -27.71
CA ALA A 207 -4.07 -0.24 -26.37
C ALA A 207 -3.05 -0.45 -25.27
N PHE A 208 -1.85 -0.93 -25.58
CA PHE A 208 -0.89 -1.35 -24.57
C PHE A 208 0.33 -0.44 -24.58
N VAL A 209 0.90 -0.25 -23.37
CA VAL A 209 2.17 0.46 -23.27
C VAL A 209 3.21 -0.29 -24.09
N THR A 210 4.03 0.46 -24.83
CA THR A 210 5.07 -0.16 -25.65
C THR A 210 6.24 -0.56 -24.77
N LYS A 211 6.51 -1.87 -24.71
CA LYS A 211 7.60 -2.41 -23.91
C LYS A 211 8.38 -3.43 -24.72
N ASP A 212 8.79 -3.02 -25.93
CA ASP A 212 9.38 -3.92 -26.91
C ASP A 212 10.67 -4.57 -26.43
N ARG A 213 11.36 -3.99 -25.45
N ARG A 213 11.35 -3.99 -25.44
CA ARG A 213 12.66 -4.54 -25.07
CA ARG A 213 12.65 -4.50 -25.04
C ARG A 213 12.56 -5.76 -24.16
C ARG A 213 12.57 -5.72 -24.13
N TRP A 214 11.39 -6.06 -23.61
CA TRP A 214 11.24 -7.12 -22.62
C TRP A 214 10.82 -8.43 -23.29
N SER A 215 11.58 -9.50 -23.02
CA SER A 215 11.26 -10.77 -23.65
C SER A 215 9.86 -11.26 -23.27
N MET A 216 9.40 -10.96 -22.05
CA MET A 216 8.08 -11.44 -21.66
C MET A 216 6.98 -10.88 -22.55
N GLU A 217 7.14 -9.64 -23.05
CA GLU A 217 6.14 -9.07 -23.94
C GLU A 217 6.12 -9.79 -25.27
N TRP A 218 7.26 -10.37 -25.65
CA TRP A 218 7.37 -11.08 -26.92
C TRP A 218 6.64 -12.41 -26.87
N TYR A 219 6.89 -13.23 -25.84
CA TYR A 219 6.32 -14.58 -25.83
C TYR A 219 4.99 -14.71 -25.08
N TYR A 220 4.62 -13.76 -24.21
CA TYR A 220 3.42 -13.97 -23.40
C TYR A 220 2.14 -14.08 -24.23
N PRO A 221 1.95 -13.33 -25.31
CA PRO A 221 0.73 -13.55 -26.11
C PRO A 221 0.61 -14.99 -26.60
N VAL A 222 1.74 -15.67 -26.83
CA VAL A 222 1.69 -17.07 -27.21
C VAL A 222 1.48 -17.95 -25.99
N LEU A 223 2.25 -17.71 -24.93
CA LEU A 223 2.14 -18.52 -23.72
C LEU A 223 0.71 -18.55 -23.22
N GLY A 224 0.06 -17.39 -23.14
CA GLY A 224 -1.30 -17.28 -22.64
C GLY A 224 -2.38 -17.73 -23.60
N GLY A 225 -2.03 -18.08 -24.83
CA GLY A 225 -3.00 -18.60 -25.77
C GLY A 225 -3.74 -17.57 -26.59
N ALA A 226 -3.47 -16.27 -26.42
CA ALA A 226 -4.13 -15.27 -27.27
C ALA A 226 -3.66 -15.36 -28.71
N LEU A 227 -2.46 -15.89 -28.94
N LEU A 227 -2.43 -15.83 -28.94
CA LEU A 227 -1.91 -16.04 -30.28
CA LEU A 227 -1.88 -16.06 -30.26
C LEU A 227 -1.39 -17.46 -30.41
C LEU A 227 -1.46 -17.51 -30.34
N ARG A 228 -1.93 -18.20 -31.39
CA ARG A 228 -1.47 -19.57 -31.66
C ARG A 228 -1.34 -19.73 -33.16
N GLY A 229 -0.95 -20.93 -33.57
CA GLY A 229 -0.87 -21.25 -34.99
C GLY A 229 0.18 -20.43 -35.70
N GLU A 230 -0.14 -20.06 -36.93
CA GLU A 230 0.82 -19.37 -37.78
C GLU A 230 1.24 -18.03 -37.19
N ALA A 231 0.29 -17.27 -36.62
CA ALA A 231 0.63 -16.00 -36.00
C ALA A 231 1.63 -16.20 -34.87
N ALA A 232 1.46 -17.26 -34.08
CA ALA A 232 2.37 -17.49 -32.96
C ALA A 232 3.75 -17.89 -33.45
N ARG A 233 3.83 -18.78 -34.43
CA ARG A 233 5.13 -19.15 -34.97
C ARG A 233 5.85 -17.93 -35.52
N ALA A 234 5.12 -17.08 -36.23
CA ALA A 234 5.73 -15.88 -36.80
C ALA A 234 6.24 -14.95 -35.71
N ARG A 235 5.46 -14.78 -34.64
CA ARG A 235 5.87 -13.88 -33.56
C ARG A 235 7.12 -14.39 -32.87
N ILE A 236 7.17 -15.69 -32.54
CA ILE A 236 8.37 -16.25 -31.93
C ILE A 236 9.58 -16.02 -32.83
N ASN A 237 9.44 -16.31 -34.12
CA ASN A 237 10.60 -16.17 -35.01
C ASN A 237 11.03 -14.71 -35.17
N ARG A 238 10.10 -13.77 -34.99
CA ARG A 238 10.37 -12.37 -35.30
C ARG A 238 11.48 -11.78 -34.42
N ARG A 239 11.54 -12.18 -33.15
CA ARG A 239 12.51 -11.62 -32.21
C ARG A 239 13.50 -12.64 -31.70
N TRP A 240 13.53 -13.84 -32.28
CA TRP A 240 14.33 -14.93 -31.74
C TRP A 240 15.76 -14.50 -31.42
N ASN A 241 16.45 -13.90 -32.39
CA ASN A 241 17.86 -13.62 -32.18
C ASN A 241 18.09 -12.40 -31.30
N ASP A 242 17.08 -11.54 -31.13
CA ASP A 242 17.22 -10.44 -30.19
C ASP A 242 17.28 -10.92 -28.75
N PHE A 243 16.66 -12.07 -28.46
CA PHE A 243 16.52 -12.53 -27.08
C PHE A 243 17.29 -13.80 -26.75
N VAL A 244 17.41 -14.73 -27.69
CA VAL A 244 17.99 -16.04 -27.36
C VAL A 244 19.51 -15.96 -27.45
N VAL A 245 20.18 -16.37 -26.37
CA VAL A 245 21.63 -16.37 -26.26
C VAL A 245 22.09 -17.82 -26.37
N PRO A 246 22.81 -18.20 -27.42
CA PRO A 246 23.18 -19.61 -27.62
C PRO A 246 23.88 -20.17 -26.41
N GLY A 247 23.37 -21.29 -25.90
CA GLY A 247 23.96 -22.01 -24.78
C GLY A 247 23.59 -21.54 -23.39
N LEU A 248 22.79 -20.48 -23.26
CA LEU A 248 22.60 -19.84 -21.95
C LEU A 248 21.17 -19.52 -21.58
N GLY A 249 20.20 -19.69 -22.48
CA GLY A 249 18.84 -19.23 -22.22
C GLY A 249 18.55 -17.94 -22.94
N ILE A 250 17.65 -17.12 -22.39
CA ILE A 250 17.22 -15.91 -23.08
C ILE A 250 17.39 -14.68 -22.20
N ARG A 251 17.57 -13.54 -22.87
N ARG A 251 17.58 -13.54 -22.86
CA ARG A 251 17.67 -12.25 -22.21
CA ARG A 251 17.66 -12.26 -22.19
C ARG A 251 16.33 -11.83 -21.61
C ARG A 251 16.33 -11.88 -21.58
N CYS A 252 16.40 -11.21 -20.43
CA CYS A 252 15.21 -10.57 -19.90
C CYS A 252 14.86 -9.33 -20.71
N VAL A 253 15.87 -8.52 -21.07
CA VAL A 253 15.69 -7.35 -21.91
C VAL A 253 16.72 -7.37 -23.04
N ASP A 254 16.32 -6.83 -24.20
CA ASP A 254 17.15 -6.99 -25.40
C ASP A 254 18.42 -6.17 -25.39
N ASP A 255 18.60 -5.26 -24.42
CA ASP A 255 19.75 -4.36 -24.43
C ASP A 255 20.68 -4.59 -23.25
N ARG A 256 20.57 -5.73 -22.57
CA ARG A 256 21.49 -6.08 -21.49
C ARG A 256 22.00 -7.49 -21.70
N PRO A 257 23.29 -7.75 -21.45
CA PRO A 257 23.86 -9.11 -21.61
C PRO A 257 23.54 -9.97 -20.38
N TRP A 258 22.26 -10.25 -20.18
CA TRP A 258 21.76 -10.77 -18.92
C TRP A 258 20.65 -11.76 -19.21
N VAL A 259 20.87 -13.04 -18.90
CA VAL A 259 19.88 -14.08 -19.14
C VAL A 259 19.22 -14.45 -17.83
N THR A 260 17.91 -14.74 -17.88
CA THR A 260 17.17 -15.06 -16.67
C THR A 260 16.48 -16.41 -16.81
N GLY A 261 16.45 -17.14 -15.70
CA GLY A 261 15.91 -18.49 -15.74
C GLY A 261 14.41 -18.53 -15.94
N ALA A 262 13.67 -17.64 -15.25
CA ALA A 262 12.21 -17.69 -15.32
C ALA A 262 11.71 -17.37 -16.73
N GLU A 263 12.26 -16.31 -17.33
CA GLU A 263 11.85 -15.96 -18.69
C GLU A 263 12.19 -17.06 -19.67
N THR A 264 13.37 -17.67 -19.52
CA THR A 264 13.73 -18.80 -20.38
C THR A 264 12.68 -19.91 -20.28
N CYS A 265 12.32 -20.26 -19.05
CA CYS A 265 11.38 -21.36 -18.85
C CYS A 265 9.95 -21.01 -19.26
N GLU A 266 9.57 -19.73 -19.16
CA GLU A 266 8.29 -19.33 -19.73
C GLU A 266 8.29 -19.44 -21.25
N LEU A 267 9.38 -19.03 -21.90
CA LEU A 267 9.50 -19.27 -23.33
C LEU A 267 9.38 -20.75 -23.66
N VAL A 268 9.97 -21.62 -22.83
CA VAL A 268 9.86 -23.06 -23.05
C VAL A 268 8.39 -23.47 -23.09
N LEU A 269 7.59 -22.96 -22.15
CA LEU A 269 6.17 -23.29 -22.13
C LEU A 269 5.47 -22.78 -23.40
N ALA A 270 5.84 -21.59 -23.88
CA ALA A 270 5.25 -21.06 -25.10
C ALA A 270 5.65 -21.90 -26.32
N LEU A 271 6.92 -22.30 -26.40
CA LEU A 271 7.37 -23.15 -27.49
C LEU A 271 6.66 -24.49 -27.47
N ASP A 272 6.53 -25.08 -26.27
CA ASP A 272 5.79 -26.34 -26.15
C ASP A 272 4.36 -26.16 -26.63
N ALA A 273 3.74 -25.03 -26.28
CA ALA A 273 2.35 -24.80 -26.67
C ALA A 273 2.17 -24.80 -28.19
N ILE A 274 3.17 -24.34 -28.95
CA ILE A 274 3.09 -24.33 -30.40
C ILE A 274 3.78 -25.55 -31.04
N GLY A 275 4.13 -26.56 -30.23
CA GLY A 275 4.67 -27.79 -30.75
C GLY A 275 6.15 -27.76 -31.07
N ASP A 276 6.85 -26.65 -30.77
CA ASP A 276 8.27 -26.53 -31.09
C ASP A 276 9.09 -27.18 -29.97
N LEU A 277 8.99 -28.51 -29.92
N LEU A 277 8.98 -28.51 -29.91
CA LEU A 277 9.65 -29.24 -28.84
CA LEU A 277 9.64 -29.27 -28.86
C LEU A 277 11.15 -29.28 -29.01
C LEU A 277 11.15 -29.25 -29.01
N THR A 278 11.66 -29.15 -30.25
CA THR A 278 13.09 -29.11 -30.46
C THR A 278 13.69 -27.88 -29.76
N ARG A 279 13.14 -26.71 -30.05
CA ARG A 279 13.69 -25.51 -29.42
C ARG A 279 13.27 -25.38 -27.96
N ALA A 280 12.09 -25.88 -27.60
CA ALA A 280 11.70 -25.90 -26.19
C ALA A 280 12.72 -26.68 -25.37
N HIS A 281 13.13 -27.84 -25.86
CA HIS A 281 14.12 -28.64 -25.14
C HIS A 281 15.48 -27.95 -25.10
N GLU A 282 15.87 -27.31 -26.19
CA GLU A 282 17.17 -26.63 -26.22
C GLU A 282 17.21 -25.50 -25.20
N GLN A 283 16.15 -24.69 -25.14
CA GLN A 283 16.15 -23.55 -24.24
C GLN A 283 16.06 -24.02 -22.79
N PHE A 284 15.24 -25.05 -22.53
CA PHE A 284 15.15 -25.60 -21.19
C PHE A 284 16.50 -26.11 -20.71
N ALA A 285 17.19 -26.87 -21.56
CA ALA A 285 18.50 -27.40 -21.18
C ALA A 285 19.49 -26.29 -20.90
N ALA A 286 19.36 -25.16 -21.59
CA ALA A 286 20.38 -24.10 -21.54
C ALA A 286 20.33 -23.22 -20.30
N MET A 287 19.34 -23.37 -19.41
CA MET A 287 19.26 -22.47 -18.26
C MET A 287 19.66 -23.13 -16.94
N HIS A 288 20.13 -24.38 -16.96
CA HIS A 288 20.43 -25.05 -15.70
C HIS A 288 21.78 -24.68 -15.12
N HIS A 289 22.56 -23.83 -15.80
CA HIS A 289 23.72 -23.22 -15.15
C HIS A 289 23.30 -22.39 -13.95
N LEU A 290 22.02 -21.99 -13.86
CA LEU A 290 21.50 -21.24 -12.72
C LEU A 290 21.20 -22.13 -11.52
N ARG A 291 21.26 -23.45 -11.67
CA ARG A 291 20.91 -24.34 -10.57
C ARG A 291 22.04 -24.36 -9.54
N GLU A 292 21.64 -24.23 -8.27
CA GLU A 292 22.57 -24.26 -7.14
C GLU A 292 22.49 -25.63 -6.46
N GLU A 293 23.46 -25.89 -5.55
CA GLU A 293 23.63 -27.20 -4.96
C GLU A 293 22.41 -27.68 -4.18
N ASP A 294 21.62 -26.76 -3.63
CA ASP A 294 20.45 -27.14 -2.84
C ASP A 294 19.20 -27.25 -3.69
N GLY A 295 19.31 -27.12 -5.01
CA GLY A 295 18.18 -27.22 -5.90
C GLY A 295 17.50 -25.91 -6.19
N SER A 296 17.86 -24.85 -5.48
CA SER A 296 17.34 -23.53 -5.83
C SER A 296 18.05 -22.99 -7.06
N TYR A 297 17.46 -21.97 -7.66
CA TYR A 297 17.95 -21.37 -8.90
C TYR A 297 18.27 -19.90 -8.70
N TRP A 298 19.47 -19.50 -9.10
CA TRP A 298 19.79 -18.08 -9.26
C TRP A 298 18.85 -17.44 -10.29
N THR A 299 18.49 -16.19 -10.04
CA THR A 299 17.55 -15.51 -10.93
C THR A 299 18.12 -15.34 -12.33
N GLY A 300 19.40 -14.96 -12.45
CA GLY A 300 19.94 -14.60 -13.75
C GLY A 300 21.44 -14.52 -13.72
N LEU A 301 22.01 -14.39 -14.93
CA LEU A 301 23.46 -14.41 -15.14
C LEU A 301 23.83 -13.29 -16.10
N VAL A 302 24.80 -12.46 -15.70
CA VAL A 302 25.38 -11.48 -16.62
C VAL A 302 26.44 -12.25 -17.40
N TYR A 303 26.12 -12.60 -18.64
CA TYR A 303 26.92 -13.64 -19.28
C TYR A 303 28.23 -13.13 -19.82
N ASP A 304 28.44 -11.81 -19.88
CA ASP A 304 29.72 -11.33 -20.38
C ASP A 304 30.72 -11.04 -19.27
N ASP A 305 30.37 -11.30 -18.01
CA ASP A 305 31.35 -11.22 -16.93
C ASP A 305 31.21 -12.31 -15.88
N GLY A 306 30.22 -13.20 -15.98
CA GLY A 306 30.06 -14.31 -15.08
C GLY A 306 29.35 -14.02 -13.77
N LYS A 307 28.90 -12.79 -13.56
CA LYS A 307 28.26 -12.44 -12.29
C LYS A 307 26.78 -12.84 -12.31
N ARG A 308 26.33 -13.49 -11.25
CA ARG A 308 24.90 -13.60 -11.05
C ARG A 308 24.31 -12.23 -10.71
N TRP A 309 23.14 -11.94 -11.28
CA TRP A 309 22.44 -10.71 -10.96
C TRP A 309 20.95 -10.92 -11.18
N PRO A 310 20.09 -10.45 -10.27
CA PRO A 310 20.45 -9.91 -8.95
C PRO A 310 21.13 -11.02 -8.15
N ILE A 311 21.79 -10.69 -7.03
CA ILE A 311 22.47 -11.70 -6.22
C ILE A 311 21.46 -12.39 -5.32
N GLU A 312 20.60 -13.20 -5.93
CA GLU A 312 19.47 -13.79 -5.24
C GLU A 312 19.14 -15.10 -5.92
N ARG A 313 18.75 -16.10 -5.13
CA ARG A 313 18.14 -17.32 -5.64
C ARG A 313 16.66 -17.26 -5.32
N THR A 314 15.84 -17.28 -6.36
CA THR A 314 14.41 -17.01 -6.22
C THR A 314 13.61 -18.29 -6.38
N THR A 315 12.69 -18.51 -5.43
CA THR A 315 11.82 -19.67 -5.45
C THR A 315 11.15 -19.83 -6.80
N TRP A 316 10.63 -18.72 -7.34
CA TRP A 316 9.81 -18.73 -8.54
C TRP A 316 10.60 -18.96 -9.82
N THR A 317 11.93 -18.85 -9.77
CA THR A 317 12.72 -19.31 -10.92
C THR A 317 12.73 -20.83 -10.96
N GLY A 318 12.95 -21.48 -9.81
CA GLY A 318 12.83 -22.92 -9.75
C GLY A 318 11.41 -23.38 -10.08
N ALA A 319 10.40 -22.60 -9.66
CA ALA A 319 9.02 -22.97 -9.95
C ALA A 319 8.75 -22.96 -11.45
N ALA A 320 9.21 -21.91 -12.14
CA ALA A 320 9.03 -21.86 -13.59
C ALA A 320 9.73 -23.03 -14.26
N MET A 321 10.92 -23.39 -13.77
CA MET A 321 11.63 -24.53 -14.31
C MET A 321 10.80 -25.80 -14.17
N ILE A 322 10.22 -26.01 -12.99
CA ILE A 322 9.42 -27.21 -12.72
C ILE A 322 8.21 -27.28 -13.66
N LEU A 323 7.50 -26.16 -13.83
CA LEU A 323 6.36 -26.18 -14.74
C LEU A 323 6.80 -26.51 -16.17
N ALA A 324 7.93 -25.96 -16.61
CA ALA A 324 8.45 -26.29 -17.94
C ALA A 324 8.84 -27.76 -18.03
N ALA A 325 9.44 -28.31 -16.96
CA ALA A 325 9.80 -29.73 -16.98
C ALA A 325 8.55 -30.60 -17.08
N ASP A 326 7.48 -30.23 -16.38
CA ASP A 326 6.25 -31.00 -16.47
C ASP A 326 5.67 -30.96 -17.89
N ALA A 327 5.69 -29.77 -18.53
CA ALA A 327 5.14 -29.65 -19.87
C ALA A 327 5.94 -30.47 -20.87
N LEU A 328 7.27 -30.43 -20.77
CA LEU A 328 8.11 -31.17 -21.72
C LEU A 328 7.93 -32.67 -21.55
N SER A 329 7.84 -33.15 -20.32
CA SER A 329 7.75 -34.57 -20.01
C SER A 329 6.33 -35.09 -20.03
N ARG A 330 5.35 -34.19 -20.09
CA ARG A 330 3.92 -34.50 -19.95
C ARG A 330 3.66 -35.48 -18.80
N THR A 331 4.11 -35.09 -17.61
CA THR A 331 4.06 -36.00 -16.47
C THR A 331 2.72 -35.93 -15.73
N THR A 332 2.39 -34.78 -15.14
CA THR A 332 1.18 -34.70 -14.33
C THR A 332 -0.01 -34.32 -15.19
N PRO A 333 -1.23 -34.53 -14.66
CA PRO A 333 -2.42 -34.11 -15.42
C PRO A 333 -2.54 -32.60 -15.61
N GLY A 334 -1.73 -31.80 -14.92
CA GLY A 334 -1.72 -30.37 -15.14
C GLY A 334 -0.72 -29.87 -16.14
N ASN A 335 0.08 -30.78 -16.72
CA ASN A 335 1.23 -30.34 -17.51
C ASN A 335 0.82 -29.48 -18.70
N GLY A 336 -0.38 -29.69 -19.24
CA GLY A 336 -0.78 -28.97 -20.44
C GLY A 336 -1.65 -27.75 -20.19
N ILE A 337 -1.60 -27.19 -18.98
CA ILE A 337 -2.54 -26.11 -18.67
C ILE A 337 -2.30 -24.88 -19.54
N PHE A 338 -1.04 -24.63 -19.93
CA PHE A 338 -0.78 -23.51 -20.84
C PHE A 338 -1.06 -23.90 -22.29
N ARG A 339 -0.75 -25.14 -22.68
CA ARG A 339 -1.17 -25.60 -23.99
C ARG A 339 -2.66 -25.35 -24.19
N GLY A 340 -3.46 -25.62 -23.16
CA GLY A 340 -4.83 -25.14 -23.10
C GLY A 340 -5.82 -25.83 -24.00
N VAL A 341 -5.57 -27.09 -24.36
CA VAL A 341 -6.41 -27.77 -25.36
C VAL A 341 -7.89 -27.64 -25.01
N ASP A 342 -8.24 -27.85 -23.74
CA ASP A 342 -9.64 -27.96 -23.33
C ASP A 342 -10.19 -26.71 -22.65
N LEU A 343 -9.41 -25.62 -22.60
CA LEU A 343 -9.89 -24.44 -21.89
C LEU A 343 -10.99 -23.75 -22.69
N PRO A 344 -12.04 -23.27 -22.02
CA PRO A 344 -13.06 -22.48 -22.73
C PRO A 344 -12.47 -21.23 -23.35
N ARG A 345 -13.11 -20.76 -24.42
CA ARG A 345 -12.65 -19.59 -25.16
C ARG A 345 -13.45 -18.33 -24.86
N GLY A 346 -14.58 -18.44 -24.17
CA GLY A 346 -15.44 -17.29 -24.00
C GLY A 346 -16.17 -16.95 -25.28
N LEU A 347 -16.78 -15.77 -25.27
CA LEU A 347 -17.62 -15.31 -26.39
C LEU A 347 -16.72 -14.61 -27.40
N GLU A 348 -16.43 -15.30 -28.51
CA GLU A 348 -15.58 -14.77 -29.57
C GLU A 348 -16.46 -14.04 -30.59
N GLY A 349 -16.82 -12.81 -30.22
CA GLY A 349 -17.67 -12.01 -31.08
C GLY A 349 -18.40 -10.97 -30.25
N GLU A 350 -19.16 -10.13 -30.96
CA GLU A 350 -19.91 -9.02 -30.37
C GLU A 350 -19.01 -7.95 -29.77
N TYR A 351 -17.78 -7.83 -30.24
CA TYR A 351 -16.83 -6.89 -29.65
C TYR A 351 -17.33 -5.46 -29.77
N ASP A 352 -16.99 -4.65 -28.77
CA ASP A 352 -17.42 -3.26 -28.73
C ASP A 352 -16.27 -2.29 -29.00
N ASP B 5 -21.83 12.90 35.01
CA ASP B 5 -20.39 12.89 34.74
C ASP B 5 -19.70 14.04 35.46
N ASP B 6 -18.42 13.85 35.78
CA ASP B 6 -17.59 14.91 36.34
C ASP B 6 -16.96 15.69 35.20
N LEU B 7 -17.41 16.91 34.99
CA LEU B 7 -16.94 17.76 33.90
C LEU B 7 -16.10 18.93 34.40
N ASP B 8 -15.75 18.96 35.68
CA ASP B 8 -14.99 20.09 36.21
C ASP B 8 -13.69 20.29 35.46
N ALA B 9 -13.07 19.19 35.02
CA ALA B 9 -11.77 19.25 34.36
C ALA B 9 -11.87 19.17 32.85
N VAL B 10 -13.06 19.37 32.28
CA VAL B 10 -13.28 19.27 30.84
C VAL B 10 -13.41 20.66 30.25
N PRO B 11 -12.82 20.95 29.09
CA PRO B 11 -12.86 22.31 28.55
C PRO B 11 -14.29 22.78 28.27
N GLY B 12 -14.50 24.07 28.50
CA GLY B 12 -15.71 24.73 28.07
C GLY B 12 -15.39 26.16 27.71
N VAL B 13 -16.15 26.70 26.77
CA VAL B 13 -16.06 28.11 26.40
C VAL B 13 -17.46 28.69 26.57
N PRO B 14 -17.69 29.50 27.60
CA PRO B 14 -19.04 30.00 27.86
C PRO B 14 -19.71 30.58 26.62
N GLY B 15 -20.96 30.17 26.39
CA GLY B 15 -21.73 30.63 25.27
C GLY B 15 -21.46 29.90 23.97
N VAL B 16 -20.38 29.12 23.90
CA VAL B 16 -19.97 28.47 22.66
C VAL B 16 -19.98 26.95 22.80
N LEU B 17 -19.40 26.43 23.88
CA LEU B 17 -19.26 24.99 24.08
C LEU B 17 -19.32 24.71 25.56
N THR B 18 -20.34 23.98 26.00
CA THR B 18 -20.38 23.61 27.40
C THR B 18 -19.46 22.41 27.64
N PRO B 19 -18.99 22.22 28.87
CA PRO B 19 -18.20 21.02 29.16
C PRO B 19 -18.96 19.75 28.82
N GLU B 20 -20.27 19.72 29.06
N GLU B 20 -20.28 19.72 29.03
CA GLU B 20 -21.10 18.60 28.66
CA GLU B 20 -21.07 18.56 28.65
C GLU B 20 -20.98 18.35 27.16
C GLU B 20 -21.00 18.33 27.14
N GLN B 21 -21.03 19.42 26.35
CA GLN B 21 -20.91 19.26 24.91
C GLN B 21 -19.52 18.79 24.52
N CYS B 22 -18.49 19.29 25.19
CA CYS B 22 -17.13 18.84 24.90
C CYS B 22 -16.99 17.35 25.18
N ARG B 23 -17.51 16.90 26.32
CA ARG B 23 -17.46 15.48 26.65
C ARG B 23 -18.26 14.65 25.65
N GLN B 24 -19.43 15.15 25.21
CA GLN B 24 -20.24 14.41 24.25
C GLN B 24 -19.49 14.19 22.95
N THR B 25 -18.80 15.22 22.45
CA THR B 25 -18.00 15.07 21.23
C THR B 25 -16.91 14.03 21.43
N ALA B 26 -16.25 14.04 22.59
CA ALA B 26 -15.22 13.04 22.85
C ALA B 26 -15.81 11.64 22.93
N GLN B 27 -16.98 11.50 23.56
CA GLN B 27 -17.63 10.20 23.61
C GLN B 27 -17.98 9.69 22.21
N ALA B 28 -18.34 10.59 21.30
CA ALA B 28 -18.65 10.18 19.94
C ALA B 28 -17.39 9.66 19.23
N ILE B 29 -16.22 10.25 19.54
CA ILE B 29 -14.97 9.70 19.05
C ILE B 29 -14.74 8.30 19.62
N ALA B 30 -14.89 8.16 20.94
CA ALA B 30 -14.67 6.87 21.58
C ALA B 30 -15.61 5.80 21.01
N ASP B 31 -16.85 6.18 20.69
CA ASP B 31 -17.82 5.23 20.16
C ASP B 31 -17.43 4.71 18.78
N ALA B 32 -16.56 5.41 18.05
CA ALA B 32 -16.08 4.92 16.77
C ALA B 32 -14.86 4.04 16.87
N GLN B 33 -14.27 3.89 18.06
CA GLN B 33 -13.03 3.13 18.20
C GLN B 33 -13.26 1.68 17.82
N GLU B 34 -12.33 1.13 17.04
CA GLU B 34 -12.38 -0.27 16.65
C GLU B 34 -11.78 -1.14 17.76
N PRO B 35 -12.07 -2.45 17.75
CA PRO B 35 -11.54 -3.31 18.83
C PRO B 35 -10.03 -3.28 18.93
N SER B 36 -9.33 -3.07 17.82
CA SER B 36 -7.87 -2.95 17.82
C SER B 36 -7.38 -1.71 18.56
N GLY B 37 -8.26 -0.74 18.81
CA GLY B 37 -7.88 0.55 19.35
C GLY B 37 -7.80 1.66 18.33
N ALA B 38 -7.90 1.32 17.04
CA ALA B 38 -7.86 2.32 15.99
C ALA B 38 -8.99 3.31 16.16
N LEU B 39 -8.70 4.59 15.89
CA LEU B 39 -9.70 5.65 15.92
C LEU B 39 -9.90 6.13 14.50
N PRO B 40 -10.86 5.56 13.76
CA PRO B 40 -11.01 5.89 12.34
C PRO B 40 -11.73 7.21 12.13
N TRP B 41 -11.84 7.60 10.85
CA TRP B 41 -12.58 8.81 10.49
C TRP B 41 -14.02 8.73 10.98
N PHE B 42 -14.60 7.55 10.97
CA PHE B 42 -15.96 7.25 11.39
C PHE B 42 -16.13 5.75 11.24
N GLU B 43 -17.23 5.24 11.77
CA GLU B 43 -17.47 3.80 11.72
C GLU B 43 -17.59 3.34 10.27
N GLY B 44 -16.77 2.36 9.89
CA GLY B 44 -16.69 1.90 8.53
C GLY B 44 -15.73 2.67 7.66
N GLY B 45 -15.24 3.82 8.12
CA GLY B 45 -14.29 4.60 7.36
C GLY B 45 -12.87 4.11 7.57
N HIS B 46 -11.94 4.79 6.92
CA HIS B 46 -10.55 4.42 7.04
C HIS B 46 -9.91 5.08 8.26
N THR B 47 -8.70 4.64 8.57
CA THR B 47 -7.88 5.19 9.64
C THR B 47 -6.60 5.71 9.03
N ASP B 48 -6.16 6.87 9.50
CA ASP B 48 -4.80 7.29 9.20
C ASP B 48 -4.09 7.64 10.49
N PRO B 49 -2.77 7.46 10.55
CA PRO B 49 -2.07 7.61 11.84
C PRO B 49 -2.16 9.01 12.43
N TRP B 50 -2.16 10.05 11.59
CA TRP B 50 -2.19 11.41 12.12
C TRP B 50 -3.52 11.68 12.81
N ASP B 51 -4.63 11.44 12.11
CA ASP B 51 -5.95 11.66 12.70
C ASP B 51 -6.23 10.70 13.85
N HIS B 52 -5.68 9.49 13.81
CA HIS B 52 -5.80 8.57 14.94
C HIS B 52 -5.20 9.19 16.20
N VAL B 53 -3.99 9.74 16.10
CA VAL B 53 -3.36 10.39 17.24
C VAL B 53 -4.11 11.64 17.65
N GLU B 54 -4.56 12.45 16.67
CA GLU B 54 -5.37 13.62 17.00
C GLU B 54 -6.58 13.24 17.83
N ASN B 55 -7.28 12.17 17.41
CA ASN B 55 -8.42 11.66 18.17
C ASN B 55 -8.01 11.25 19.58
N ALA B 56 -6.88 10.57 19.72
CA ALA B 56 -6.43 10.13 21.04
C ALA B 56 -6.13 11.32 21.95
N MET B 57 -5.57 12.38 21.38
CA MET B 57 -5.31 13.59 22.15
C MET B 57 -6.61 14.21 22.66
N ALA B 58 -7.63 14.25 21.80
CA ALA B 58 -8.92 14.81 22.23
C ALA B 58 -9.56 13.96 23.31
N LEU B 59 -9.45 12.63 23.18
CA LEU B 59 -9.94 11.75 24.23
C LEU B 59 -9.25 12.04 25.56
N THR B 60 -7.93 12.26 25.52
CA THR B 60 -7.19 12.58 26.74
C THR B 60 -7.68 13.90 27.34
N VAL B 61 -7.87 14.93 26.51
CA VAL B 61 -8.38 16.22 26.98
C VAL B 61 -9.72 16.04 27.70
N ALA B 62 -10.61 15.21 27.15
CA ALA B 62 -11.93 15.05 27.74
C ALA B 62 -11.96 14.05 28.89
N GLY B 63 -10.81 13.50 29.29
CA GLY B 63 -10.78 12.60 30.42
C GLY B 63 -11.13 11.16 30.12
N LEU B 64 -11.29 10.81 28.84
CA LEU B 64 -11.55 9.42 28.45
C LEU B 64 -10.23 8.68 28.27
N LEU B 65 -9.60 8.39 29.42
CA LEU B 65 -8.22 7.92 29.41
C LEU B 65 -8.10 6.48 28.91
N GLU B 66 -9.10 5.64 29.17
CA GLU B 66 -8.98 4.26 28.71
C GLU B 66 -9.06 4.13 27.21
N PRO B 67 -10.01 4.76 26.50
CA PRO B 67 -9.93 4.76 25.04
C PRO B 67 -8.65 5.40 24.52
N ALA B 68 -8.19 6.49 25.14
CA ALA B 68 -6.95 7.12 24.71
C ALA B 68 -5.77 6.16 24.84
N ARG B 69 -5.67 5.48 25.99
CA ARG B 69 -4.56 4.54 26.16
C ARG B 69 -4.66 3.37 25.19
N ALA B 70 -5.88 2.93 24.89
CA ALA B 70 -6.03 1.86 23.89
C ALA B 70 -5.59 2.32 22.51
N ALA B 71 -5.82 3.60 22.18
CA ALA B 71 -5.36 4.15 20.92
C ALA B 71 -3.83 4.19 20.86
N PHE B 72 -3.19 4.62 21.94
CA PHE B 72 -1.73 4.62 21.94
C PHE B 72 -1.18 3.20 21.92
N ASP B 73 -1.90 2.24 22.51
CA ASP B 73 -1.50 0.84 22.39
C ASP B 73 -1.56 0.38 20.94
N TRP B 74 -2.55 0.84 20.17
CA TRP B 74 -2.60 0.52 18.75
C TRP B 74 -1.38 1.05 18.01
N CYS B 75 -0.94 2.26 18.33
CA CYS B 75 0.29 2.77 17.74
C CYS B 75 1.44 1.82 18.02
N ARG B 76 1.58 1.38 19.28
CA ARG B 76 2.68 0.50 19.65
C ARG B 76 2.60 -0.83 18.89
N THR B 77 1.41 -1.45 18.87
CA THR B 77 1.30 -2.80 18.34
C THR B 77 1.27 -2.86 16.83
N THR B 78 0.94 -1.78 16.13
CA THR B 78 0.91 -1.79 14.67
C THR B 78 2.14 -1.13 14.05
N GLN B 79 3.02 -0.53 14.85
CA GLN B 79 4.22 0.05 14.30
C GLN B 79 5.02 -1.01 13.54
N ARG B 80 5.48 -0.64 12.37
CA ARG B 80 6.14 -1.60 11.49
C ARG B 80 7.62 -1.67 11.83
N PRO B 81 8.32 -2.70 11.35
CA PRO B 81 9.73 -2.88 11.72
C PRO B 81 10.60 -1.64 11.49
N ASP B 82 10.34 -0.87 10.43
CA ASP B 82 11.16 0.31 10.17
C ASP B 82 10.79 1.50 11.05
N GLY B 83 9.79 1.38 11.91
CA GLY B 83 9.35 2.46 12.77
C GLY B 83 8.14 3.22 12.28
N SER B 84 7.61 2.87 11.10
CA SER B 84 6.55 3.63 10.45
C SER B 84 5.18 2.99 10.66
N TRP B 85 4.16 3.68 10.15
CA TRP B 85 2.80 3.17 10.05
C TRP B 85 2.33 3.42 8.62
N PRO B 86 1.43 2.58 8.11
CA PRO B 86 0.86 2.82 6.78
C PRO B 86 0.01 4.08 6.73
N ILE B 87 -0.02 4.69 5.55
CA ILE B 87 -0.80 5.91 5.34
C ILE B 87 -2.29 5.67 5.53
N GLN B 88 -2.80 4.50 5.15
CA GLN B 88 -4.24 4.28 5.21
C GLN B 88 -4.54 2.82 5.50
N ILE B 89 -5.40 2.59 6.47
N ILE B 89 -5.43 2.59 6.46
CA ILE B 89 -5.87 1.27 6.83
CA ILE B 89 -5.86 1.25 6.82
C ILE B 89 -7.39 1.36 6.96
C ILE B 89 -7.36 1.29 7.07
N ARG B 90 -8.09 0.30 6.57
CA ARG B 90 -9.54 0.24 6.74
C ARG B 90 -9.90 -1.03 7.49
N ASN B 91 -10.34 -0.88 8.73
CA ASN B 91 -10.71 -2.02 9.57
C ASN B 91 -9.62 -3.08 9.55
N GLY B 92 -8.37 -2.65 9.67
CA GLY B 92 -7.23 -3.54 9.74
C GLY B 92 -6.64 -3.93 8.40
N VAL B 93 -7.31 -3.62 7.29
CA VAL B 93 -6.81 -3.95 5.96
C VAL B 93 -6.04 -2.75 5.44
N VAL B 94 -4.75 -2.92 5.18
CA VAL B 94 -3.94 -1.82 4.69
C VAL B 94 -4.37 -1.46 3.28
N GLU B 95 -4.64 -0.16 3.06
CA GLU B 95 -5.03 0.35 1.75
C GLU B 95 -3.96 1.20 1.09
N ASP B 96 -3.11 1.87 1.87
CA ASP B 96 -1.95 2.59 1.36
C ASP B 96 -0.80 2.30 2.31
N ALA B 97 0.17 1.51 1.84
CA ALA B 97 1.27 1.02 2.67
C ALA B 97 2.49 1.91 2.65
N ASN B 98 2.48 3.00 1.89
CA ASN B 98 3.58 3.95 1.96
C ASN B 98 3.59 4.61 3.34
N SER B 99 4.68 5.31 3.62
CA SER B 99 4.84 6.08 4.86
C SER B 99 4.80 7.57 4.57
N ASP B 100 3.99 8.29 5.34
CA ASP B 100 3.94 9.76 5.28
C ASP B 100 4.71 10.27 6.50
N SER B 101 5.73 11.10 6.26
CA SER B 101 6.62 11.53 7.36
C SER B 101 5.87 12.32 8.41
N ASN B 102 4.95 13.17 8.00
CA ASN B 102 4.12 13.93 8.93
C ASN B 102 3.28 12.98 9.78
N PHE B 103 2.61 12.02 9.14
CA PHE B 103 1.80 11.05 9.87
C PHE B 103 2.63 10.31 10.91
N CYS B 104 3.84 9.88 10.53
CA CYS B 104 4.62 9.05 11.44
C CYS B 104 5.17 9.85 12.62
N ALA B 105 5.48 11.12 12.40
CA ALA B 105 6.06 11.94 13.48
C ALA B 105 5.03 12.32 14.54
N TYR B 106 3.75 12.37 14.19
CA TYR B 106 2.76 12.99 15.07
C TYR B 106 2.58 12.20 16.37
N VAL B 107 2.92 10.91 16.38
CA VAL B 107 2.83 10.14 17.62
C VAL B 107 3.61 10.82 18.75
N ALA B 108 4.71 11.50 18.41
CA ALA B 108 5.49 12.19 19.45
C ALA B 108 4.66 13.28 20.12
N THR B 109 3.89 14.04 19.33
CA THR B 109 3.03 15.07 19.89
C THR B 109 1.96 14.45 20.78
N GLY B 110 1.29 13.41 20.28
CA GLY B 110 0.26 12.75 21.06
C GLY B 110 0.77 12.21 22.37
N VAL B 111 1.94 11.55 22.33
CA VAL B 111 2.47 10.94 23.55
C VAL B 111 2.88 12.00 24.56
N TRP B 112 3.56 13.05 24.12
CA TRP B 112 3.97 14.09 25.05
C TRP B 112 2.75 14.81 25.64
N HIS B 113 1.77 15.10 24.80
CA HIS B 113 0.50 15.67 25.25
C HIS B 113 -0.11 14.82 26.36
N HIS B 114 -0.13 13.49 26.18
CA HIS B 114 -0.70 12.61 27.20
C HIS B 114 0.11 12.68 28.50
N VAL B 115 1.44 12.68 28.39
CA VAL B 115 2.28 12.78 29.58
C VAL B 115 2.05 14.11 30.30
N LEU B 116 1.93 15.20 29.55
CA LEU B 116 1.67 16.49 30.18
C LEU B 116 0.39 16.45 31.00
N ILE B 117 -0.65 15.82 30.47
CA ILE B 117 -1.95 15.84 31.13
C ILE B 117 -1.98 14.88 32.32
N THR B 118 -1.36 13.71 32.19
CA THR B 118 -1.52 12.64 33.16
C THR B 118 -0.34 12.47 34.11
N GLY B 119 0.86 12.85 33.71
CA GLY B 119 2.04 12.53 34.49
C GLY B 119 2.27 11.03 34.61
N ASP B 120 1.77 10.26 33.65
CA ASP B 120 1.78 8.79 33.74
C ASP B 120 3.13 8.28 33.25
N ARG B 121 4.02 7.97 34.19
CA ARG B 121 5.35 7.51 33.80
C ARG B 121 5.34 6.09 33.24
N ARG B 122 4.39 5.26 33.67
CA ARG B 122 4.25 3.94 33.05
C ARG B 122 3.96 4.07 31.57
N PHE B 123 3.03 4.96 31.22
CA PHE B 123 2.73 5.26 29.83
C PHE B 123 3.97 5.78 29.11
N ALA B 124 4.68 6.72 29.73
CA ALA B 124 5.88 7.28 29.09
C ALA B 124 6.90 6.19 28.80
N GLU B 125 7.11 5.27 29.75
CA GLU B 125 8.09 4.20 29.53
C GLU B 125 7.64 3.24 28.44
N THR B 126 6.33 2.97 28.36
CA THR B 126 5.83 2.09 27.32
C THR B 126 5.96 2.72 25.93
N MET B 127 5.64 4.01 25.82
CA MET B 127 5.57 4.69 24.54
C MET B 127 6.88 5.31 24.10
N TRP B 128 7.84 5.49 25.00
CA TRP B 128 9.12 6.07 24.60
C TRP B 128 9.78 5.31 23.45
N PRO B 129 9.89 3.98 23.47
CA PRO B 129 10.51 3.29 22.33
C PRO B 129 9.73 3.45 21.04
N VAL B 130 8.40 3.56 21.13
CA VAL B 130 7.58 3.79 19.95
C VAL B 130 7.92 5.14 19.34
N VAL B 131 7.94 6.18 20.16
CA VAL B 131 8.25 7.52 19.68
C VAL B 131 9.67 7.57 19.10
N ALA B 132 10.64 6.98 19.81
CA ALA B 132 12.02 7.06 19.36
C ALA B 132 12.20 6.37 18.01
N LYS B 133 11.59 5.20 17.83
CA LYS B 133 11.68 4.51 16.55
C LYS B 133 11.00 5.32 15.45
N ALA B 134 9.86 5.94 15.75
CA ALA B 134 9.16 6.74 14.75
C ALA B 134 9.99 7.96 14.35
N ILE B 135 10.57 8.65 15.32
CA ILE B 135 11.29 9.88 15.01
C ILE B 135 12.61 9.58 14.32
N ASP B 136 13.27 8.48 14.70
CA ASP B 136 14.43 8.01 13.93
C ASP B 136 14.06 7.76 12.47
N PHE B 137 12.91 7.12 12.25
CA PHE B 137 12.46 6.84 10.89
C PHE B 137 12.22 8.13 10.12
N VAL B 138 11.53 9.09 10.74
CA VAL B 138 11.23 10.35 10.08
C VAL B 138 12.51 11.08 9.72
N ILE B 139 13.48 11.11 10.64
CA ILE B 139 14.70 11.85 10.34
C ILE B 139 15.49 11.16 9.23
N ASP B 140 15.34 9.84 9.08
CA ASP B 140 15.93 9.15 7.94
C ASP B 140 15.29 9.53 6.62
N MET B 141 14.19 10.29 6.64
CA MET B 141 13.59 10.84 5.44
C MET B 141 14.03 12.28 5.18
N GLN B 142 14.93 12.82 6.00
CA GLN B 142 15.38 14.19 5.80
C GLN B 142 16.28 14.28 4.58
N LEU B 143 16.04 15.28 3.75
CA LEU B 143 16.81 15.53 2.55
C LEU B 143 17.99 16.45 2.87
N PRO B 144 18.96 16.54 1.95
CA PRO B 144 20.17 17.33 2.24
C PRO B 144 19.91 18.78 2.61
N GLY B 145 18.87 19.40 2.05
CA GLY B 145 18.58 20.79 2.37
C GLY B 145 17.93 21.03 3.72
N GLY B 146 17.53 19.96 4.43
CA GLY B 146 16.93 20.06 5.75
C GLY B 146 15.44 19.76 5.77
N GLU B 147 14.75 19.99 4.67
CA GLU B 147 13.34 19.60 4.57
C GLU B 147 13.24 18.07 4.64
N ILE B 148 12.05 17.57 5.00
CA ILE B 148 11.77 16.14 5.07
C ILE B 148 10.98 15.73 3.83
N ALA B 149 11.39 14.64 3.19
CA ALA B 149 10.59 14.07 2.13
C ALA B 149 9.19 13.75 2.65
N TRP B 150 8.17 13.98 1.82
CA TRP B 150 6.81 13.83 2.31
C TRP B 150 6.43 12.36 2.48
N ALA B 151 7.03 11.45 1.69
CA ALA B 151 6.62 10.06 1.74
C ALA B 151 7.78 9.14 1.37
N ARG B 152 7.71 7.90 1.88
CA ARG B 152 8.63 6.83 1.53
C ARG B 152 7.82 5.66 0.96
N SER B 153 8.33 5.07 -0.12
CA SER B 153 7.72 3.88 -0.71
C SER B 153 8.77 2.79 -0.73
N PRO B 154 8.42 1.54 -1.07
CA PRO B 154 9.45 0.49 -1.16
C PRO B 154 10.53 0.81 -2.17
N SER B 155 10.23 1.64 -3.17
N SER B 155 10.22 1.63 -3.17
CA SER B 155 11.23 2.01 -4.17
CA SER B 155 11.20 2.03 -4.17
C SER B 155 12.06 3.23 -3.77
C SER B 155 12.17 3.10 -3.66
N GLY B 156 11.80 3.83 -2.62
CA GLY B 156 12.64 4.88 -2.08
C GLY B 156 11.83 6.09 -1.65
N LEU B 157 12.57 7.14 -1.30
CA LEU B 157 11.93 8.38 -0.88
C LEU B 157 11.32 9.11 -2.06
N TYR B 158 10.16 9.72 -1.83
CA TYR B 158 9.65 10.73 -2.75
C TYR B 158 10.33 12.04 -2.39
N GLU B 159 11.20 12.53 -3.27
CA GLU B 159 12.08 13.65 -2.95
C GLU B 159 11.42 15.01 -3.20
N GLU B 160 10.19 15.14 -2.69
CA GLU B 160 9.48 16.40 -2.59
C GLU B 160 9.05 16.58 -1.15
N ALA B 161 8.96 17.84 -0.71
CA ALA B 161 8.57 18.15 0.65
C ALA B 161 7.33 19.03 0.64
N LEU B 162 6.51 18.88 1.68
CA LEU B 162 5.31 19.68 1.86
C LEU B 162 5.50 20.60 3.06
N LEU B 163 5.20 21.88 2.88
CA LEU B 163 5.42 22.86 3.95
C LEU B 163 4.56 22.54 5.17
N THR B 164 3.29 22.19 4.96
CA THR B 164 2.43 21.82 6.09
C THR B 164 3.01 20.65 6.87
N GLY B 165 3.39 19.57 6.16
CA GLY B 165 3.95 18.43 6.86
C GLY B 165 5.25 18.75 7.57
N CYS B 166 6.11 19.54 6.92
CA CYS B 166 7.38 19.90 7.56
C CYS B 166 7.15 20.76 8.78
N ALA B 167 6.16 21.67 8.73
CA ALA B 167 5.84 22.50 9.89
C ALA B 167 5.32 21.65 11.04
N SER B 168 4.51 20.64 10.72
CA SER B 168 4.01 19.74 11.74
C SER B 168 5.14 18.89 12.32
N ILE B 169 5.99 18.32 11.45
CA ILE B 169 7.12 17.53 11.92
C ILE B 169 8.03 18.34 12.82
N TYR B 170 8.27 19.61 12.48
CA TYR B 170 9.09 20.48 13.30
C TYR B 170 8.58 20.48 14.75
N HIS B 171 7.28 20.70 14.91
CA HIS B 171 6.70 20.66 16.26
C HIS B 171 6.78 19.26 16.86
N SER B 172 6.55 18.22 16.06
CA SER B 172 6.56 16.86 16.60
C SER B 172 7.93 16.47 17.15
N ILE B 173 9.00 16.83 16.43
CA ILE B 173 10.33 16.49 16.92
C ILE B 173 10.65 17.25 18.19
N ARG B 174 10.16 18.49 18.31
CA ARG B 174 10.36 19.22 19.56
C ARG B 174 9.64 18.56 20.72
N CYS B 175 8.43 18.02 20.46
CA CYS B 175 7.75 17.23 21.49
C CYS B 175 8.51 15.96 21.81
N ALA B 176 9.10 15.33 20.80
CA ALA B 176 9.91 14.14 21.04
C ALA B 176 11.12 14.47 21.90
N LEU B 177 11.72 15.65 21.68
CA LEU B 177 12.84 16.09 22.51
C LEU B 177 12.39 16.35 23.94
N ALA B 178 11.18 16.89 24.12
CA ALA B 178 10.64 17.07 25.46
C ALA B 178 10.49 15.73 26.16
N LEU B 179 9.98 14.73 25.45
CA LEU B 179 9.87 13.39 26.03
C LEU B 179 11.25 12.81 26.32
N ALA B 180 12.22 13.05 25.43
CA ALA B 180 13.57 12.55 25.65
C ALA B 180 14.14 13.11 26.96
N ASP B 181 13.96 14.42 27.19
N ASP B 181 13.97 14.42 27.19
CA ASP B 181 14.42 15.01 28.44
CA ASP B 181 14.42 15.00 28.45
C ASP B 181 13.69 14.40 29.64
C ASP B 181 13.70 14.37 29.64
N TYR B 182 12.38 14.17 29.52
CA TYR B 182 11.62 13.55 30.58
C TYR B 182 12.11 12.14 30.88
N MET B 183 12.57 11.42 29.86
CA MET B 183 13.10 10.07 30.02
C MET B 183 14.57 10.05 30.38
N GLY B 184 15.28 11.18 30.30
CA GLY B 184 16.70 11.20 30.62
C GLY B 184 17.58 10.60 29.55
N GLU B 185 17.18 10.69 28.28
CA GLU B 185 17.92 10.08 27.18
C GLU B 185 18.14 11.12 26.09
N PRO B 186 19.26 11.86 26.17
CA PRO B 186 19.50 12.90 25.16
C PRO B 186 19.56 12.32 23.76
N GLN B 187 19.12 13.14 22.80
CA GLN B 187 19.07 12.76 21.38
C GLN B 187 19.71 13.87 20.56
N PRO B 188 21.04 13.98 20.60
CA PRO B 188 21.69 15.06 19.83
C PRO B 188 21.39 15.03 18.34
N GLU B 189 21.19 13.86 17.74
CA GLU B 189 20.86 13.81 16.32
C GLU B 189 19.49 14.43 16.05
N TRP B 190 18.53 14.25 16.97
CA TRP B 190 17.23 14.91 16.80
C TRP B 190 17.37 16.42 16.90
N GLU B 191 18.20 16.91 17.83
CA GLU B 191 18.43 18.34 17.97
C GLU B 191 18.98 18.94 16.68
N VAL B 192 19.96 18.27 16.07
CA VAL B 192 20.52 18.73 14.81
C VAL B 192 19.45 18.72 13.72
N ALA B 193 18.71 17.62 13.61
CA ALA B 193 17.72 17.49 12.55
C ALA B 193 16.68 18.59 12.62
N VAL B 194 16.17 18.88 13.82
CA VAL B 194 15.10 19.86 13.93
C VAL B 194 15.61 21.26 13.64
N GLY B 195 16.87 21.56 13.98
CA GLY B 195 17.45 22.84 13.60
C GLY B 195 17.57 23.01 12.11
N ARG B 196 17.99 21.95 11.40
CA ARG B 196 18.09 22.03 9.95
C ARG B 196 16.71 22.15 9.32
N LEU B 197 15.73 21.43 9.86
CA LEU B 197 14.36 21.54 9.36
C LEU B 197 13.83 22.95 9.55
N GLY B 198 14.05 23.53 10.74
CA GLY B 198 13.65 24.91 10.96
C GLY B 198 14.26 25.88 9.97
N HIS B 199 15.55 25.72 9.66
CA HIS B 199 16.20 26.61 8.69
C HIS B 199 15.55 26.50 7.32
N ALA B 200 15.22 25.28 6.90
CA ALA B 200 14.59 25.09 5.59
C ALA B 200 13.23 25.76 5.53
N ILE B 201 12.42 25.58 6.56
CA ILE B 201 11.11 26.23 6.62
C ILE B 201 11.26 27.74 6.54
N ALA B 202 12.28 28.28 7.19
CA ALA B 202 12.41 29.74 7.28
C ALA B 202 13.01 30.35 6.01
N GLU B 203 13.95 29.67 5.37
CA GLU B 203 14.79 30.32 4.36
C GLU B 203 14.76 29.69 2.97
N HIS B 204 14.07 28.56 2.78
CA HIS B 204 14.13 27.84 1.51
C HIS B 204 12.73 27.51 1.01
N PRO B 205 11.98 28.53 0.58
CA PRO B 205 10.65 28.25 0.02
C PRO B 205 10.70 27.33 -1.18
N GLU B 206 11.81 27.31 -1.92
CA GLU B 206 11.92 26.44 -3.08
C GLU B 206 12.01 24.97 -2.70
N ALA B 207 12.17 24.66 -1.42
CA ALA B 207 12.24 23.28 -0.97
C ALA B 207 10.89 22.59 -0.94
N PHE B 208 9.79 23.33 -1.01
CA PHE B 208 8.46 22.80 -0.78
C PHE B 208 7.60 22.90 -2.02
N VAL B 209 6.78 21.87 -2.25
CA VAL B 209 5.80 21.92 -3.33
C VAL B 209 4.85 23.08 -3.09
N THR B 210 4.38 23.69 -4.19
CA THR B 210 3.42 24.78 -4.09
C THR B 210 2.05 24.25 -3.71
N LYS B 211 1.54 24.68 -2.57
CA LYS B 211 0.20 24.31 -2.11
C LYS B 211 -0.49 25.53 -1.52
N ASP B 212 -0.23 26.71 -2.10
CA ASP B 212 -0.68 27.93 -1.44
C ASP B 212 -2.18 28.19 -1.55
N ARG B 213 -2.93 27.35 -2.28
N ARG B 213 -2.93 27.34 -2.27
CA ARG B 213 -4.39 27.46 -2.22
CA ARG B 213 -4.39 27.44 -2.21
C ARG B 213 -4.98 26.84 -0.95
C ARG B 213 -4.95 26.91 -0.91
N TRP B 214 -4.18 26.10 -0.19
CA TRP B 214 -4.66 25.41 1.01
C TRP B 214 -4.44 26.27 2.25
N SER B 215 -5.49 26.45 3.04
CA SER B 215 -5.34 27.25 4.25
C SER B 215 -4.33 26.63 5.22
N MET B 216 -4.20 25.30 5.22
CA MET B 216 -3.28 24.68 6.16
C MET B 216 -1.84 25.14 5.90
N GLU B 217 -1.48 25.36 4.63
N GLU B 217 -1.48 25.35 4.64
CA GLU B 217 -0.14 25.83 4.32
CA GLU B 217 -0.12 25.83 4.36
C GLU B 217 0.06 27.25 4.84
C GLU B 217 0.07 27.27 4.82
N TRP B 218 -1.01 28.03 4.93
CA TRP B 218 -0.92 29.41 5.41
C TRP B 218 -0.65 29.47 6.92
N TYR B 219 -1.41 28.71 7.72
CA TYR B 219 -1.26 28.84 9.17
C TYR B 219 -0.33 27.82 9.80
N TYR B 220 0.01 26.72 9.12
CA TYR B 220 0.80 25.68 9.80
C TYR B 220 2.18 26.14 10.25
N PRO B 221 2.91 26.97 9.50
CA PRO B 221 4.20 27.45 10.03
C PRO B 221 4.05 28.16 11.37
N VAL B 222 2.92 28.83 11.60
CA VAL B 222 2.64 29.47 12.88
C VAL B 222 2.21 28.43 13.92
N LEU B 223 1.26 27.58 13.54
CA LEU B 223 0.77 26.55 14.46
C LEU B 223 1.91 25.72 15.03
N GLY B 224 2.79 25.23 14.16
CA GLY B 224 3.88 24.36 14.57
C GLY B 224 5.05 25.06 15.23
N GLY B 225 5.02 26.38 15.33
CA GLY B 225 6.04 27.11 16.03
C GLY B 225 7.26 27.47 15.21
N ALA B 226 7.27 27.18 13.91
CA ALA B 226 8.40 27.63 13.08
C ALA B 226 8.38 29.13 12.88
N LEU B 227 7.22 29.77 13.02
CA LEU B 227 7.07 31.20 12.76
C LEU B 227 6.21 31.79 13.87
N ARG B 228 6.76 32.73 14.62
CA ARG B 228 6.02 33.43 15.66
C ARG B 228 6.37 34.91 15.56
N GLY B 229 5.82 35.69 16.48
CA GLY B 229 6.16 37.11 16.53
C GLY B 229 5.53 37.91 15.41
N GLU B 230 6.14 39.05 15.12
CA GLU B 230 5.53 40.00 14.19
C GLU B 230 5.40 39.43 12.78
N ALA B 231 6.38 38.61 12.35
CA ALA B 231 6.29 38.00 11.03
C ALA B 231 5.15 37.00 10.95
N ALA B 232 4.83 36.33 12.06
CA ALA B 232 3.68 35.44 12.07
C ALA B 232 2.38 36.21 11.95
N ARG B 233 2.23 37.31 12.71
CA ARG B 233 1.03 38.13 12.56
C ARG B 233 0.91 38.63 11.13
N ALA B 234 2.04 39.02 10.52
CA ALA B 234 1.99 39.49 9.14
C ALA B 234 1.53 38.40 8.20
N ARG B 235 2.03 37.17 8.39
CA ARG B 235 1.61 36.07 7.52
C ARG B 235 0.12 35.82 7.66
N ILE B 236 -0.38 35.82 8.90
CA ILE B 236 -1.81 35.60 9.11
C ILE B 236 -2.62 36.70 8.44
N ASN B 237 -2.22 37.96 8.64
CA ASN B 237 -3.00 39.08 8.10
C ASN B 237 -2.94 39.14 6.58
N ARG B 238 -1.83 38.69 5.98
CA ARG B 238 -1.66 38.82 4.54
C ARG B 238 -2.75 38.10 3.76
N ARG B 239 -3.20 36.95 4.26
CA ARG B 239 -4.21 36.16 3.55
C ARG B 239 -5.49 35.97 4.35
N TRP B 240 -5.67 36.75 5.41
CA TRP B 240 -6.88 36.64 6.23
C TRP B 240 -8.14 36.60 5.38
N ASN B 241 -8.30 37.58 4.47
CA ASN B 241 -9.54 37.68 3.72
C ASN B 241 -9.67 36.64 2.62
N ASP B 242 -8.57 35.98 2.24
CA ASP B 242 -8.65 34.92 1.25
C ASP B 242 -9.28 33.66 1.83
N PHE B 243 -9.13 33.44 3.14
CA PHE B 243 -9.58 32.21 3.76
C PHE B 243 -10.73 32.38 4.74
N VAL B 244 -10.79 33.49 5.47
CA VAL B 244 -11.76 33.62 6.55
C VAL B 244 -13.11 34.08 5.98
N VAL B 245 -14.15 33.32 6.30
CA VAL B 245 -15.52 33.60 5.87
C VAL B 245 -16.27 34.11 7.09
N PRO B 246 -16.63 35.39 7.14
CA PRO B 246 -17.30 35.94 8.33
C PRO B 246 -18.50 35.12 8.74
N GLY B 247 -18.54 34.72 10.01
CA GLY B 247 -19.64 33.98 10.58
C GLY B 247 -19.63 32.48 10.39
N LEU B 248 -18.66 31.92 9.66
CA LEU B 248 -18.72 30.51 9.25
C LEU B 248 -17.45 29.70 9.44
N GLY B 249 -16.33 30.32 9.80
CA GLY B 249 -15.07 29.60 9.85
C GLY B 249 -14.22 29.94 8.65
N ILE B 250 -13.33 29.03 8.24
CA ILE B 250 -12.40 29.34 7.16
C ILE B 250 -12.50 28.31 6.05
N ARG B 251 -12.15 28.75 4.84
CA ARG B 251 -12.07 27.88 3.68
C ARG B 251 -10.92 26.89 3.82
N CYS B 252 -11.18 25.65 3.37
CA CYS B 252 -10.09 24.70 3.22
C CYS B 252 -9.16 25.10 2.09
N VAL B 253 -9.73 25.55 0.96
CA VAL B 253 -8.96 26.02 -0.20
C VAL B 253 -9.52 27.36 -0.66
N ASP B 254 -8.64 28.21 -1.18
CA ASP B 254 -9.02 29.59 -1.46
C ASP B 254 -9.92 29.74 -2.67
N ASP B 255 -10.16 28.68 -3.43
CA ASP B 255 -10.94 28.78 -4.67
C ASP B 255 -12.23 27.96 -4.61
N ARG B 256 -12.68 27.57 -3.42
CA ARG B 256 -13.95 26.87 -3.28
C ARG B 256 -14.74 27.51 -2.15
N PRO B 257 -16.06 27.65 -2.31
CA PRO B 257 -16.90 28.26 -1.25
C PRO B 257 -17.28 27.23 -0.19
N TRP B 258 -16.27 26.75 0.52
CA TRP B 258 -16.38 25.54 1.33
C TRP B 258 -15.55 25.74 2.59
N VAL B 259 -16.22 25.82 3.74
CA VAL B 259 -15.55 25.97 5.03
C VAL B 259 -15.48 24.61 5.73
N THR B 260 -14.37 24.38 6.42
CA THR B 260 -14.16 23.10 7.11
C THR B 260 -13.85 23.32 8.58
N GLY B 261 -14.37 22.41 9.41
CA GLY B 261 -14.25 22.58 10.85
C GLY B 261 -12.83 22.41 11.36
N ALA B 262 -12.11 21.39 10.86
CA ALA B 262 -10.77 21.11 11.37
C ALA B 262 -9.80 22.25 11.06
N GLU B 263 -9.82 22.73 9.81
CA GLU B 263 -8.93 23.83 9.46
C GLU B 263 -9.25 25.09 10.26
N THR B 264 -10.53 25.37 10.49
CA THR B 264 -10.90 26.50 11.33
C THR B 264 -10.29 26.35 12.73
N CYS B 265 -10.44 25.16 13.33
CA CYS B 265 -9.94 24.97 14.68
C CYS B 265 -8.41 24.91 14.75
N GLU B 266 -7.75 24.48 13.67
CA GLU B 266 -6.30 24.59 13.64
C GLU B 266 -5.86 26.05 13.57
N LEU B 267 -6.56 26.86 12.78
CA LEU B 267 -6.29 28.30 12.80
C LEU B 267 -6.48 28.86 14.20
N VAL B 268 -7.52 28.40 14.91
CA VAL B 268 -7.73 28.86 16.29
C VAL B 268 -6.48 28.61 17.13
N LEU B 269 -5.90 27.42 17.00
CA LEU B 269 -4.70 27.09 17.76
C LEU B 269 -3.54 27.99 17.37
N ALA B 270 -3.41 28.29 16.07
CA ALA B 270 -2.35 29.19 15.62
C ALA B 270 -2.54 30.60 16.15
N LEU B 271 -3.77 31.11 16.08
CA LEU B 271 -4.08 32.44 16.60
C LEU B 271 -3.80 32.49 18.10
N ASP B 272 -4.23 31.47 18.84
CA ASP B 272 -3.93 31.43 20.27
C ASP B 272 -2.43 31.49 20.51
N ALA B 273 -1.65 30.79 19.68
CA ALA B 273 -0.20 30.73 19.90
C ALA B 273 0.45 32.10 19.72
N ILE B 274 -0.12 32.98 18.90
CA ILE B 274 0.42 34.33 18.73
C ILE B 274 -0.34 35.36 19.58
N GLY B 275 -1.13 34.91 20.56
CA GLY B 275 -1.81 35.80 21.47
C GLY B 275 -3.07 36.45 20.95
N ASP B 276 -3.50 36.11 19.72
CA ASP B 276 -4.68 36.72 19.11
C ASP B 276 -5.94 36.00 19.62
N LEU B 277 -6.22 36.20 20.91
N LEU B 277 -6.23 36.21 20.90
CA LEU B 277 -7.38 35.56 21.51
CA LEU B 277 -7.38 35.54 21.50
C LEU B 277 -8.69 36.13 20.98
C LEU B 277 -8.69 36.13 21.00
N THR B 278 -8.68 37.39 20.56
CA THR B 278 -9.90 37.99 20.04
C THR B 278 -10.36 37.24 18.80
N ARG B 279 -9.47 37.10 17.82
CA ARG B 279 -9.87 36.41 16.60
C ARG B 279 -9.91 34.90 16.79
N ALA B 280 -9.10 34.35 17.69
CA ALA B 280 -9.18 32.92 17.99
C ALA B 280 -10.58 32.57 18.50
N HIS B 281 -11.11 33.36 19.43
CA HIS B 281 -12.45 33.11 19.93
C HIS B 281 -13.50 33.27 18.83
N GLU B 282 -13.34 34.29 17.98
CA GLU B 282 -14.34 34.51 16.94
C GLU B 282 -14.37 33.34 15.96
N GLN B 283 -13.20 32.85 15.56
CA GLN B 283 -13.17 31.75 14.59
C GLN B 283 -13.68 30.47 15.22
N PHE B 284 -13.34 30.23 16.50
CA PHE B 284 -13.83 29.04 17.19
C PHE B 284 -15.35 29.05 17.28
N ALA B 285 -15.92 30.20 17.66
CA ALA B 285 -17.37 30.29 17.78
C ALA B 285 -18.07 30.07 16.44
N ALA B 286 -17.37 30.36 15.34
CA ALA B 286 -18.00 30.40 14.03
C ALA B 286 -18.11 29.05 13.33
N MET B 287 -17.56 27.96 13.89
CA MET B 287 -17.62 26.68 13.20
C MET B 287 -18.57 25.66 13.82
N HIS B 288 -19.34 26.04 14.84
CA HIS B 288 -20.18 25.08 15.53
C HIS B 288 -21.49 24.81 14.81
N HIS B 289 -21.74 25.47 13.68
CA HIS B 289 -22.83 25.04 12.81
C HIS B 289 -22.60 23.64 12.27
N LEU B 290 -21.37 23.11 12.36
CA LEU B 290 -21.06 21.75 11.93
C LEU B 290 -21.41 20.71 12.98
N ARG B 291 -21.75 21.13 14.19
CA ARG B 291 -22.04 20.17 15.25
C ARG B 291 -23.38 19.48 15.00
N GLU B 292 -23.38 18.15 15.16
CA GLU B 292 -24.57 17.33 15.03
C GLU B 292 -25.11 16.96 16.42
N GLU B 293 -26.33 16.40 16.44
CA GLU B 293 -27.03 16.14 17.70
C GLU B 293 -26.27 15.20 18.62
N ASP B 294 -25.50 14.27 18.05
CA ASP B 294 -24.76 13.31 18.86
C ASP B 294 -23.40 13.82 19.30
N GLY B 295 -23.08 15.08 18.99
CA GLY B 295 -21.80 15.66 19.36
C GLY B 295 -20.72 15.51 18.32
N SER B 296 -20.94 14.70 17.29
CA SER B 296 -19.99 14.63 16.19
C SER B 296 -20.13 15.86 15.30
N TYR B 297 -19.10 16.11 14.49
CA TYR B 297 -19.03 17.28 13.63
C TYR B 297 -18.97 16.87 12.17
N TRP B 298 -19.82 17.49 11.36
CA TRP B 298 -19.65 17.41 9.91
C TRP B 298 -18.32 18.01 9.50
N THR B 299 -17.71 17.42 8.46
CA THR B 299 -16.39 17.88 8.03
C THR B 299 -16.45 19.32 7.52
N GLY B 300 -17.48 19.67 6.76
CA GLY B 300 -17.44 20.97 6.10
C GLY B 300 -18.80 21.34 5.55
N LEU B 301 -18.88 22.60 5.12
CA LEU B 301 -20.12 23.19 4.63
C LEU B 301 -19.83 23.96 3.34
N VAL B 302 -20.61 23.68 2.30
CA VAL B 302 -20.57 24.47 1.08
C VAL B 302 -21.50 25.66 1.32
N TYR B 303 -20.94 26.83 1.58
CA TYR B 303 -21.75 27.87 2.22
C TYR B 303 -22.65 28.63 1.25
N ASP B 304 -22.49 28.44 -0.06
CA ASP B 304 -23.39 29.14 -0.97
C ASP B 304 -24.58 28.29 -1.42
N ASP B 305 -24.69 27.06 -0.95
CA ASP B 305 -25.91 26.28 -1.16
C ASP B 305 -26.38 25.52 0.07
N GLY B 306 -25.64 25.55 1.18
CA GLY B 306 -26.07 24.91 2.40
C GLY B 306 -25.79 23.43 2.51
N LYS B 307 -25.10 22.83 1.54
CA LYS B 307 -24.85 21.40 1.58
C LYS B 307 -23.60 21.09 2.38
N ARG B 308 -23.71 20.11 3.28
CA ARG B 308 -22.52 19.55 3.90
C ARG B 308 -21.71 18.79 2.86
N TRP B 309 -20.39 18.95 2.90
CA TRP B 309 -19.53 18.23 1.99
C TRP B 309 -18.15 18.09 2.63
N PRO B 310 -17.53 16.90 2.57
CA PRO B 310 -18.12 15.64 2.09
C PRO B 310 -19.29 15.29 3.01
N ILE B 311 -20.13 14.34 2.61
CA ILE B 311 -21.28 13.96 3.42
C ILE B 311 -20.81 12.98 4.49
N GLU B 312 -20.04 13.50 5.44
CA GLU B 312 -19.37 12.68 6.44
C GLU B 312 -19.23 13.50 7.72
N ARG B 313 -19.43 12.84 8.85
CA ARG B 313 -19.08 13.42 10.15
C ARG B 313 -17.80 12.71 10.61
N THR B 314 -16.74 13.49 10.80
CA THR B 314 -15.41 12.95 11.02
C THR B 314 -14.99 13.14 12.47
N THR B 315 -14.53 12.05 13.08
CA THR B 315 -14.03 12.09 14.45
C THR B 315 -13.03 13.23 14.64
N TRP B 316 -12.09 13.36 13.69
CA TRP B 316 -10.97 14.30 13.84
C TRP B 316 -11.37 15.76 13.68
N THR B 317 -12.56 16.05 13.12
CA THR B 317 -13.05 17.42 13.15
C THR B 317 -13.47 17.78 14.58
N GLY B 318 -14.22 16.89 15.23
CA GLY B 318 -14.50 17.08 16.64
C GLY B 318 -13.25 17.11 17.49
N ALA B 319 -12.25 16.28 17.15
CA ALA B 319 -11.00 16.26 17.91
C ALA B 319 -10.29 17.61 17.84
N ALA B 320 -10.19 18.18 16.62
CA ALA B 320 -9.58 19.49 16.49
C ALA B 320 -10.33 20.53 17.29
N MET B 321 -11.66 20.44 17.27
CA MET B 321 -12.49 21.36 18.05
C MET B 321 -12.13 21.27 19.53
N ILE B 322 -12.02 20.05 20.06
CA ILE B 322 -11.69 19.84 21.47
C ILE B 322 -10.33 20.43 21.81
N LEU B 323 -9.32 20.21 20.95
CA LEU B 323 -8.00 20.76 21.23
C LEU B 323 -8.04 22.28 21.25
N ALA B 324 -8.78 22.90 20.32
CA ALA B 324 -8.93 24.35 20.34
C ALA B 324 -9.66 24.81 21.59
N ALA B 325 -10.69 24.08 22.01
CA ALA B 325 -11.42 24.47 23.21
C ALA B 325 -10.52 24.41 24.44
N ASP B 326 -9.66 23.40 24.52
CA ASP B 326 -8.70 23.32 25.62
C ASP B 326 -7.73 24.51 25.60
N ALA B 327 -7.23 24.86 24.41
CA ALA B 327 -6.28 25.96 24.33
C ALA B 327 -6.92 27.28 24.75
N LEU B 328 -8.16 27.53 24.30
CA LEU B 328 -8.83 28.79 24.63
C LEU B 328 -9.17 28.88 26.11
N SER B 329 -9.59 27.77 26.70
CA SER B 329 -10.00 27.75 28.09
C SER B 329 -8.85 27.47 29.04
N ARG B 330 -7.67 27.11 28.51
CA ARG B 330 -6.51 26.68 29.28
C ARG B 330 -6.91 25.72 30.39
N THR B 331 -7.61 24.66 30.01
CA THR B 331 -8.15 23.74 31.01
C THR B 331 -7.14 22.69 31.47
N THR B 332 -6.67 21.81 30.55
CA THR B 332 -5.78 20.73 30.98
C THR B 332 -4.33 21.16 30.90
N PRO B 333 -3.43 20.42 31.53
CA PRO B 333 -2.00 20.75 31.45
C PRO B 333 -1.40 20.58 30.06
N GLY B 334 -2.13 19.98 29.13
CA GLY B 334 -1.68 19.85 27.76
C GLY B 334 -2.17 20.94 26.84
N ASN B 335 -2.95 21.90 27.35
CA ASN B 335 -3.63 22.84 26.47
C ASN B 335 -2.66 23.68 25.65
N GLY B 336 -1.45 23.91 26.17
CA GLY B 336 -0.51 24.78 25.50
C GLY B 336 0.55 24.07 24.69
N ILE B 337 0.30 22.82 24.31
CA ILE B 337 1.36 22.06 23.66
C ILE B 337 1.77 22.68 22.33
N PHE B 338 0.84 23.35 21.63
CA PHE B 338 1.21 24.04 20.40
C PHE B 338 1.78 25.43 20.68
N ARG B 339 1.27 26.14 21.68
CA ARG B 339 1.95 27.35 22.11
C ARG B 339 3.42 27.05 22.37
N GLY B 340 3.71 25.95 23.05
CA GLY B 340 5.06 25.41 23.12
C GLY B 340 6.04 26.20 23.96
N VAL B 341 5.57 26.81 25.04
CA VAL B 341 6.43 27.72 25.82
C VAL B 341 7.70 27.02 26.27
N ASP B 342 7.60 25.75 26.68
CA ASP B 342 8.72 25.05 27.29
C ASP B 342 9.34 23.98 26.39
N LEU B 343 9.02 23.96 25.09
CA LEU B 343 9.54 22.92 24.23
C LEU B 343 11.01 23.17 23.90
N PRO B 344 11.85 22.13 23.89
CA PRO B 344 13.23 22.31 23.45
C PRO B 344 13.28 22.81 22.01
N ARG B 345 14.28 23.64 21.72
CA ARG B 345 14.38 24.28 20.41
C ARG B 345 15.27 23.53 19.43
N GLY B 346 16.07 22.58 19.92
CA GLY B 346 17.06 21.94 19.07
C GLY B 346 18.32 22.77 18.94
N LEU B 347 19.19 22.33 18.04
CA LEU B 347 20.48 22.97 17.83
C LEU B 347 20.33 23.99 16.71
N GLU B 348 20.01 25.23 17.09
CA GLU B 348 19.79 26.30 16.12
C GLU B 348 21.14 26.81 15.61
N GLY B 349 21.50 26.39 14.40
CA GLY B 349 22.75 26.79 13.80
C GLY B 349 23.26 25.81 12.76
MG MG C . -2.02 -9.63 3.01
NI NI D . -11.41 -4.48 -32.63
C1 GOL E . 4.55 -11.85 -15.76
O1 GOL E . 3.28 -12.39 -15.57
C2 GOL E . 5.44 -12.49 -14.70
O2 GOL E . 6.78 -12.18 -14.87
C3 GOL E . 4.93 -11.92 -13.37
O3 GOL E . 5.66 -12.56 -12.35
H11 GOL E . 4.91 -12.05 -16.64
H12 GOL E . 4.57 -10.89 -15.67
HO1 GOL E . 2.82 -12.17 -16.24
H2 GOL E . 5.37 -13.46 -14.73
HO2 GOL E . 6.85 -11.34 -14.77
H31 GOL E . 5.04 -10.96 -13.38
H32 GOL E . 3.98 -12.08 -13.31
HO3 GOL E . 6.36 -12.87 -12.73
NI NI F . 20.02 27.85 3.77
C1 GOL G . -3.92 17.94 7.48
O1 GOL G . -5.25 17.62 7.78
C2 GOL G . -3.06 17.48 8.67
O2 GOL G . -3.00 16.10 8.75
C3 GOL G . -1.68 18.09 8.36
O3 GOL G . -0.95 18.08 9.55
H11 GOL G . -3.61 17.51 6.67
H12 GOL G . -3.79 18.89 7.35
HO1 GOL G . -5.69 17.81 7.10
H2 GOL G . -3.41 17.78 9.51
HO2 GOL G . -2.69 15.82 8.01
H31 GOL G . -1.27 17.56 7.65
H32 GOL G . -1.82 18.97 7.98
HO3 GOL G . -0.14 18.19 9.32
C1 GOL H . 9.06 -1.80 5.06
O1 GOL H . 8.60 -3.09 4.93
C2 GOL H . 8.04 -0.84 4.44
O2 GOL H . 7.70 -1.17 3.14
C3 GOL H . 6.80 -0.91 5.36
O3 GOL H . 7.18 -0.45 6.64
H11 GOL H . 9.20 -1.54 5.99
H12 GOL H . 9.92 -1.65 4.63
HO1 GOL H . 9.21 -3.60 5.24
H2 GOL H . 8.43 0.05 4.40
HO2 GOL H . 7.22 -1.88 3.17
H31 GOL H . 6.09 -0.37 4.96
H32 GOL H . 6.46 -1.81 5.36
HO3 GOL H . 7.66 -1.06 6.99
C1 GOL I . -1.67 44.75 13.95
O1 GOL I . -2.20 44.15 12.80
C2 GOL I . -0.43 43.91 14.37
O2 GOL I . -0.74 42.57 14.49
C3 GOL I . 0.59 44.17 13.24
O3 GOL I . 1.82 43.66 13.69
H11 GOL I . -1.39 45.67 13.79
H12 GOL I . -2.29 44.79 14.68
HO1 GOL I . -2.91 44.56 12.62
H2 GOL I . -0.10 44.19 15.23
HO2 GOL I . -0.92 42.28 13.73
H31 GOL I . 0.27 43.75 12.43
H32 GOL I . 0.61 45.12 13.05
HO3 GOL I . 2.37 44.28 13.61
C1 GOL J . -0.86 2.28 28.62
O1 GOL J . 0.22 2.72 29.39
C2 GOL J . -0.31 1.72 27.29
O2 GOL J . -1.11 0.74 26.77
C3 GOL J . -0.19 2.99 26.41
O3 GOL J . -1.50 3.39 26.09
H11 GOL J . -1.38 1.59 29.07
H12 GOL J . -1.50 2.99 28.43
HO1 GOL J . -0.09 2.99 30.12
H2 GOL J . 0.57 1.30 27.40
HO2 GOL J . -1.86 1.06 26.64
H31 GOL J . 0.31 3.67 26.89
H32 GOL J . 0.34 2.77 25.62
HO3 GOL J . -1.68 4.10 26.56
C1 GOL K . 4.54 34.67 19.81
O1 GOL K . 4.01 35.51 18.79
C2 GOL K . 3.88 35.18 21.07
O2 GOL K . 2.54 34.79 21.14
C3 GOL K . 4.63 34.61 22.28
O3 GOL K . 5.77 35.40 22.45
H11 GOL K . 4.32 33.73 19.67
H12 GOL K . 5.50 34.70 19.88
HO1 GOL K . 4.25 35.19 18.07
H2 GOL K . 3.95 36.15 21.07
HO2 GOL K . 2.53 33.94 21.24
H31 GOL K . 4.04 34.62 23.04
H32 GOL K . 4.82 33.68 22.11
HO3 GOL K . 6.41 34.93 22.16
#